data_7PCS
#
_entry.id   7PCS
#
_cell.length_a   68.600
_cell.length_b   68.600
_cell.length_c   191.960
_cell.angle_alpha   90.000
_cell.angle_beta   90.000
_cell.angle_gamma   120.000
#
_symmetry.space_group_name_H-M   'P 31'
#
loop_
_entity.id
_entity.type
_entity.pdbx_description
1 polymer BbsC
2 polymer BbsD
3 non-polymer GLYCEROL
4 non-polymer NICOTINAMIDE-ADENINE-DINUCLEOTIDE
5 water water
#
loop_
_entity_poly.entity_id
_entity_poly.type
_entity_poly.pdbx_seq_one_letter_code
_entity_poly.pdbx_strand_id
1 'polypeptide(L)'
;MKSNSNGKVALIVNADDAVGEAVALRLAGSGVQLALAGADAGRLDKLASQLAGKGATVMAVATAAVEAGAIRDSVAQVKA
RYGRIDVLVHNESALAAKPLPEISDADVGAALDTGLAAPFHYLRAVVPGMREAGFGRVVNISDLRYLGLANTSSVAAARS
GLFGLTRALALESARDGVTVNTVVMGDVDSETTPAAEREKLAGGIPVKRLGTPADIANAVGFLAADSSKYVTGQTLFVCG
GKSAYFSMSI
;
A,C
2 'polypeptide(L)'
;MGIQNRVALITGSASGMGKQTALRFAEQGAAVVINDIDAEKVRATVDEFSARGHRVLGAVADIGNKAAVDGMVKQTIDAF
GRIDILVNNAGMERAGALRKLSEADWDVTINVNLKGTFLCTQAVHGHMVENKHGRIVNIASRAWLGGAGQTPYSSAKAGV
VGMTRALAIELGRAGITVNCVAPGLIHTPMWDELPEKDQQFLLSRQPTGKLGEPDDIANTLLFLADDDSGFVTGQVLYVC
GGRSLFAG
;
B,D
#
loop_
_chem_comp.id
_chem_comp.type
_chem_comp.name
_chem_comp.formula
GOL non-polymer GLYCEROL 'C3 H8 O3'
NAD non-polymer NICOTINAMIDE-ADENINE-DINUCLEOTIDE 'C21 H27 N7 O14 P2'
#
# COMPACT_ATOMS: atom_id res chain seq x y z
N GLY A 7 -25.96 -18.74 -0.34
CA GLY A 7 -25.79 -17.42 0.24
C GLY A 7 -27.04 -16.89 0.94
N LYS A 8 -27.66 -17.74 1.76
CA LYS A 8 -28.92 -17.39 2.40
C LYS A 8 -28.81 -17.07 3.89
N VAL A 9 -27.74 -17.49 4.57
CA VAL A 9 -27.64 -17.33 6.02
C VAL A 9 -26.45 -16.44 6.35
N ALA A 10 -26.66 -15.48 7.24
CA ALA A 10 -25.63 -14.52 7.62
C ALA A 10 -25.65 -14.28 9.12
N LEU A 11 -24.46 -14.26 9.73
CA LEU A 11 -24.28 -13.93 11.13
C LEU A 11 -23.58 -12.58 11.24
N ILE A 12 -24.18 -11.67 11.99
CA ILE A 12 -23.61 -10.35 12.22
C ILE A 12 -23.17 -10.29 13.68
N VAL A 13 -21.86 -10.32 13.90
CA VAL A 13 -21.31 -10.21 15.24
C VAL A 13 -21.23 -8.73 15.60
N ASN A 14 -21.54 -8.42 16.85
CA ASN A 14 -21.65 -7.04 17.31
C ASN A 14 -22.69 -6.28 16.49
N ALA A 15 -23.84 -6.91 16.30
CA ALA A 15 -24.93 -6.29 15.56
C ALA A 15 -25.62 -5.18 16.34
N ASP A 16 -25.33 -5.03 17.63
CA ASP A 16 -26.07 -4.11 18.48
C ASP A 16 -25.49 -2.70 18.45
N ASP A 17 -25.30 -2.17 17.24
CA ASP A 17 -24.99 -0.75 17.07
C ASP A 17 -25.53 -0.30 15.71
N ALA A 18 -25.38 0.99 15.43
CA ALA A 18 -26.03 1.57 14.26
C ALA A 18 -25.53 0.93 12.96
N VAL A 19 -24.23 0.63 12.88
CA VAL A 19 -23.71 -0.05 11.71
C VAL A 19 -24.26 -1.47 11.62
N GLY A 20 -24.28 -2.19 12.74
CA GLY A 20 -24.85 -3.53 12.73
C GLY A 20 -26.30 -3.54 12.29
N GLU A 21 -27.08 -2.57 12.78
CA GLU A 21 -28.45 -2.43 12.33
C GLU A 21 -28.52 -2.25 10.82
N ALA A 22 -27.70 -1.32 10.29
CA ALA A 22 -27.74 -1.05 8.86
C ALA A 22 -27.34 -2.27 8.05
N VAL A 23 -26.32 -2.99 8.51
CA VAL A 23 -25.93 -4.23 7.83
C VAL A 23 -27.10 -5.21 7.82
N ALA A 24 -27.77 -5.37 8.97
CA ALA A 24 -28.91 -6.28 9.05
C ALA A 24 -30.00 -5.87 8.07
N LEU A 25 -30.25 -4.57 7.94
CA LEU A 25 -31.31 -4.12 7.03
C LEU A 25 -30.94 -4.38 5.58
N ARG A 26 -29.69 -4.13 5.19
CA ARG A 26 -29.28 -4.37 3.81
CA ARG A 26 -29.34 -4.36 3.80
C ARG A 26 -29.37 -5.85 3.46
N LEU A 27 -28.88 -6.70 4.34
CA LEU A 27 -28.84 -8.13 4.06
C LEU A 27 -30.24 -8.72 4.05
N ALA A 28 -31.05 -8.39 5.08
CA ALA A 28 -32.45 -8.81 5.06
C ALA A 28 -33.14 -8.32 3.79
N GLY A 29 -32.80 -7.12 3.34
CA GLY A 29 -33.38 -6.60 2.12
C GLY A 29 -33.14 -7.48 0.90
N SER A 30 -32.05 -8.25 0.93
CA SER A 30 -31.72 -9.18 -0.14
C SER A 30 -32.17 -10.60 0.17
N GLY A 31 -33.04 -10.76 1.16
CA GLY A 31 -33.61 -12.07 1.45
C GLY A 31 -32.76 -12.97 2.32
N VAL A 32 -31.70 -12.45 2.91
CA VAL A 32 -30.79 -13.27 3.71
C VAL A 32 -31.40 -13.52 5.08
N GLN A 33 -31.32 -14.78 5.55
CA GLN A 33 -31.69 -15.11 6.91
C GLN A 33 -30.59 -14.69 7.87
N LEU A 34 -30.98 -14.08 8.98
CA LEU A 34 -30.05 -13.35 9.83
C LEU A 34 -29.89 -14.00 11.20
N ALA A 35 -28.67 -13.93 11.72
CA ALA A 35 -28.37 -14.21 13.12
C ALA A 35 -27.58 -13.03 13.65
N LEU A 36 -28.05 -12.42 14.73
CA LEU A 36 -27.46 -11.20 15.26
C LEU A 36 -26.83 -11.52 16.62
N ALA A 37 -25.52 -11.39 16.70
CA ALA A 37 -24.81 -11.55 17.96
C ALA A 37 -24.37 -10.21 18.50
N GLY A 38 -24.34 -10.10 19.82
CA GLY A 38 -23.99 -8.84 20.46
C GLY A 38 -24.09 -8.99 21.97
N ALA A 39 -23.59 -7.97 22.66
CA ALA A 39 -23.53 -8.00 24.11
C ALA A 39 -24.79 -7.46 24.78
N ASP A 40 -25.50 -6.55 24.12
CA ASP A 40 -26.65 -5.86 24.70
C ASP A 40 -27.92 -6.58 24.25
N ALA A 41 -28.37 -7.53 25.06
CA ALA A 41 -29.55 -8.31 24.72
C ALA A 41 -30.77 -7.42 24.50
N GLY A 42 -30.97 -6.44 25.39
CA GLY A 42 -32.02 -5.48 25.21
C GLY A 42 -31.99 -4.86 23.84
N ARG A 43 -30.84 -4.29 23.48
CA ARG A 43 -30.70 -3.69 22.16
C ARG A 43 -30.82 -4.75 21.07
N LEU A 44 -30.25 -5.94 21.30
CA LEU A 44 -30.30 -6.99 20.31
C LEU A 44 -31.74 -7.42 20.05
N ASP A 45 -32.51 -7.64 21.12
CA ASP A 45 -33.90 -8.09 20.96
C ASP A 45 -34.74 -7.03 20.25
N LYS A 46 -34.60 -5.77 20.65
CA LYS A 46 -35.33 -4.70 19.97
C LYS A 46 -35.04 -4.70 18.48
N LEU A 47 -33.77 -4.90 18.11
CA LEU A 47 -33.40 -4.97 16.70
C LEU A 47 -34.05 -6.17 16.03
N ALA A 48 -33.95 -7.35 16.64
CA ALA A 48 -34.60 -8.53 16.08
C ALA A 48 -36.10 -8.32 15.94
N SER A 49 -36.73 -7.72 16.94
CA SER A 49 -38.16 -7.44 16.88
C SER A 49 -38.50 -6.58 15.66
N GLN A 50 -37.76 -5.49 15.47
CA GLN A 50 -38.03 -4.60 14.33
C GLN A 50 -37.88 -5.35 13.01
N LEU A 51 -36.81 -6.14 12.88
CA LEU A 51 -36.54 -6.84 11.63
C LEU A 51 -37.60 -7.89 11.34
N ALA A 52 -37.96 -8.69 12.35
CA ALA A 52 -39.08 -9.60 12.17
C ALA A 52 -40.34 -8.83 11.80
N GLY A 53 -40.61 -7.72 12.48
CA GLY A 53 -41.78 -6.93 12.17
C GLY A 53 -41.86 -6.52 10.72
N LYS A 54 -40.72 -6.28 10.08
CA LYS A 54 -40.69 -5.94 8.67
C LYS A 54 -40.72 -7.18 7.78
N GLY A 55 -40.60 -8.37 8.35
CA GLY A 55 -40.70 -9.60 7.60
C GLY A 55 -39.42 -10.40 7.45
N ALA A 56 -38.35 -10.03 8.16
CA ALA A 56 -37.07 -10.70 8.02
C ALA A 56 -37.01 -11.92 8.93
N THR A 57 -36.33 -12.96 8.44
CA THR A 57 -35.98 -14.10 9.25
C THR A 57 -34.76 -13.76 10.09
N VAL A 58 -34.88 -13.82 11.41
CA VAL A 58 -33.83 -13.33 12.30
C VAL A 58 -33.85 -14.12 13.60
N MET A 59 -32.66 -14.34 14.15
CA MET A 59 -32.50 -14.80 15.53
C MET A 59 -31.48 -13.89 16.21
N ALA A 60 -31.55 -13.86 17.53
CA ALA A 60 -30.63 -13.08 18.35
C ALA A 60 -29.82 -14.03 19.22
N VAL A 61 -28.61 -13.61 19.58
CA VAL A 61 -27.75 -14.34 20.49
C VAL A 61 -26.99 -13.35 21.34
N ALA A 62 -27.37 -13.21 22.61
CA ALA A 62 -26.65 -12.32 23.51
C ALA A 62 -25.32 -12.96 23.87
N THR A 63 -24.26 -12.16 23.84
CA THR A 63 -22.93 -12.66 24.17
C THR A 63 -21.95 -11.51 24.16
N ALA A 64 -21.26 -11.30 25.29
CA ALA A 64 -20.19 -10.32 25.40
C ALA A 64 -18.85 -11.03 25.49
N ALA A 65 -18.70 -12.11 24.74
CA ALA A 65 -17.56 -13.00 24.90
C ALA A 65 -16.41 -12.62 23.98
N VAL A 66 -15.20 -12.86 24.47
CA VAL A 66 -13.99 -12.82 23.65
C VAL A 66 -13.16 -14.09 23.80
N GLU A 67 -13.59 -15.04 24.65
CA GLU A 67 -12.88 -16.29 24.84
C GLU A 67 -13.36 -17.27 23.78
N ALA A 68 -12.41 -18.06 23.26
CA ALA A 68 -12.67 -18.82 22.05
C ALA A 68 -13.83 -19.79 22.24
N GLY A 69 -13.84 -20.52 23.37
CA GLY A 69 -14.88 -21.51 23.58
C GLY A 69 -16.28 -20.93 23.54
N ALA A 70 -16.48 -19.81 24.22
CA ALA A 70 -17.78 -19.15 24.20
C ALA A 70 -18.18 -18.74 22.77
N ILE A 71 -17.21 -18.28 21.98
CA ILE A 71 -17.51 -17.85 20.61
C ILE A 71 -17.97 -19.05 19.78
N ARG A 72 -17.26 -20.18 19.88
CA ARG A 72 -17.67 -21.37 19.16
C ARG A 72 -19.08 -21.79 19.54
N ASP A 73 -19.43 -21.60 20.82
CA ASP A 73 -20.80 -21.91 21.23
C ASP A 73 -21.81 -21.03 20.50
N SER A 74 -21.61 -19.71 20.56
CA SER A 74 -22.46 -18.79 19.81
C SER A 74 -22.65 -19.28 18.37
N VAL A 75 -21.55 -19.62 17.69
CA VAL A 75 -21.64 -20.08 16.32
C VAL A 75 -22.51 -21.32 16.21
N ALA A 76 -22.36 -22.26 17.15
CA ALA A 76 -23.14 -23.49 17.10
C ALA A 76 -24.63 -23.21 17.21
N GLN A 77 -25.01 -22.27 18.08
CA GLN A 77 -26.42 -21.87 18.16
C GLN A 77 -26.96 -21.51 16.79
N VAL A 78 -26.24 -20.63 16.08
CA VAL A 78 -26.66 -20.23 14.75
C VAL A 78 -26.77 -21.44 13.84
N LYS A 79 -25.75 -22.30 13.85
CA LYS A 79 -25.79 -23.45 12.97
C LYS A 79 -26.90 -24.43 13.36
N ALA A 80 -27.24 -24.49 14.64
CA ALA A 80 -28.38 -25.29 15.06
C ALA A 80 -29.67 -24.81 14.41
N ARG A 81 -29.86 -23.49 14.37
CA ARG A 81 -31.11 -22.94 13.85
C ARG A 81 -31.18 -22.99 12.33
N TYR A 82 -30.10 -22.63 11.64
CA TYR A 82 -30.16 -22.46 10.19
C TYR A 82 -29.47 -23.57 9.40
N GLY A 83 -28.56 -24.31 10.01
CA GLY A 83 -27.92 -25.42 9.32
C GLY A 83 -26.71 -25.05 8.49
N ARG A 84 -26.26 -23.79 8.54
CA ARG A 84 -25.14 -23.33 7.74
C ARG A 84 -24.95 -21.84 7.98
N ILE A 85 -23.72 -21.38 7.76
CA ILE A 85 -23.39 -19.96 7.79
C ILE A 85 -22.73 -19.60 6.46
N ASP A 86 -23.48 -18.92 5.58
CA ASP A 86 -22.91 -18.51 4.30
C ASP A 86 -22.13 -17.21 4.40
N VAL A 87 -22.43 -16.38 5.40
CA VAL A 87 -21.88 -15.03 5.50
C VAL A 87 -21.57 -14.72 6.96
N LEU A 88 -20.36 -14.24 7.21
CA LEU A 88 -19.93 -13.75 8.51
C LEU A 88 -19.52 -12.30 8.37
N VAL A 89 -20.22 -11.42 9.09
CA VAL A 89 -19.87 -10.01 9.19
C VAL A 89 -19.46 -9.76 10.63
N HIS A 90 -18.19 -9.42 10.86
CA HIS A 90 -17.71 -9.07 12.19
C HIS A 90 -17.62 -7.56 12.29
N ASN A 91 -18.64 -6.95 12.87
CA ASN A 91 -18.57 -5.53 13.21
C ASN A 91 -17.65 -5.34 14.41
N GLU A 92 -16.84 -4.29 14.36
CA GLU A 92 -15.86 -4.08 15.42
C GLU A 92 -16.54 -3.64 16.71
N SER A 93 -15.94 -4.01 17.84
CA SER A 93 -16.38 -3.55 19.15
C SER A 93 -15.62 -2.27 19.52
N ALA A 94 -16.30 -1.41 20.28
CA ALA A 94 -15.69 -0.14 20.67
C ALA A 94 -14.38 -0.40 21.40
N LEU A 95 -13.37 0.41 21.10
CA LEU A 95 -12.10 0.36 21.80
C LEU A 95 -11.70 1.76 22.21
N ALA A 96 -11.06 1.88 23.37
CA ALA A 96 -10.63 3.17 23.89
C ALA A 96 -9.27 3.52 23.30
N ALA A 97 -9.22 4.60 22.53
CA ALA A 97 -7.97 5.15 22.04
C ALA A 97 -7.43 6.10 23.11
N LYS A 98 -6.17 5.93 23.48
CA LYS A 98 -5.57 6.78 24.49
C LYS A 98 -4.09 6.95 24.24
N PRO A 99 -3.51 8.09 24.63
CA PRO A 99 -2.07 8.25 24.53
C PRO A 99 -1.31 7.14 25.26
N LEU A 100 -0.12 6.85 24.74
CA LEU A 100 0.73 5.81 25.32
C LEU A 100 0.85 5.89 26.83
N PRO A 101 1.12 7.04 27.44
CA PRO A 101 1.27 7.06 28.92
C PRO A 101 0.04 6.55 29.64
N GLU A 102 -1.15 6.82 29.13
CA GLU A 102 -2.38 6.35 29.76
C GLU A 102 -2.69 4.88 29.45
N ILE A 103 -1.83 4.19 28.70
CA ILE A 103 -2.07 2.80 28.33
C ILE A 103 -1.52 1.92 29.44
N SER A 104 -2.39 1.09 30.02
CA SER A 104 -2.02 0.18 31.10
C SER A 104 -1.73 -1.19 30.54
N ASP A 105 -1.23 -2.07 31.41
CA ASP A 105 -0.94 -3.45 30.98
C ASP A 105 -2.21 -4.17 30.54
N ALA A 106 -3.34 -3.88 31.19
CA ALA A 106 -4.59 -4.55 30.84
C ALA A 106 -5.27 -3.90 29.64
N ASP A 107 -5.08 -2.59 29.45
CA ASP A 107 -5.57 -1.95 28.23
C ASP A 107 -5.02 -2.65 26.99
N VAL A 108 -3.74 -3.05 27.05
CA VAL A 108 -3.12 -3.75 25.93
C VAL A 108 -3.83 -5.08 25.69
N GLY A 109 -3.93 -5.90 26.74
CA GLY A 109 -4.51 -7.23 26.58
C GLY A 109 -5.96 -7.17 26.12
N ALA A 110 -6.73 -6.23 26.64
CA ALA A 110 -8.15 -6.15 26.29
C ALA A 110 -8.32 -5.78 24.82
N ALA A 111 -7.59 -4.76 24.36
CA ALA A 111 -7.66 -4.37 22.95
C ALA A 111 -7.39 -5.57 22.05
N LEU A 112 -6.32 -6.33 22.35
CA LEU A 112 -6.01 -7.50 21.54
C LEU A 112 -7.12 -8.54 21.63
N ASP A 113 -7.67 -8.75 22.83
CA ASP A 113 -8.69 -9.77 23.01
C ASP A 113 -9.97 -9.41 22.25
N THR A 114 -10.49 -8.20 22.46
CA THR A 114 -11.74 -7.85 21.81
C THR A 114 -11.54 -7.41 20.37
N GLY A 115 -10.41 -6.75 20.08
CA GLY A 115 -10.19 -6.21 18.75
C GLY A 115 -9.63 -7.18 17.74
N LEU A 116 -8.90 -8.20 18.20
CA LEU A 116 -8.17 -9.06 17.29
C LEU A 116 -8.38 -10.54 17.56
N ALA A 117 -8.20 -10.98 18.81
CA ALA A 117 -8.38 -12.39 19.12
C ALA A 117 -9.82 -12.82 18.88
N ALA A 118 -10.78 -12.02 19.35
CA ALA A 118 -12.18 -12.37 19.17
C ALA A 118 -12.56 -12.56 17.71
N PRO A 119 -12.29 -11.61 16.80
CA PRO A 119 -12.61 -11.88 15.38
C PRO A 119 -11.89 -13.10 14.84
N PHE A 120 -10.62 -13.30 15.21
CA PHE A 120 -9.91 -14.52 14.84
C PHE A 120 -10.70 -15.76 15.24
N HIS A 121 -11.14 -15.80 16.50
CA HIS A 121 -11.87 -16.96 16.99
C HIS A 121 -13.14 -17.18 16.18
N TYR A 122 -13.86 -16.11 15.84
CA TYR A 122 -15.03 -16.26 14.99
C TYR A 122 -14.64 -16.84 13.63
N LEU A 123 -13.55 -16.34 13.04
CA LEU A 123 -13.13 -16.86 11.75
C LEU A 123 -12.76 -18.34 11.83
N ARG A 124 -12.07 -18.72 12.92
CA ARG A 124 -11.71 -20.13 13.10
C ARG A 124 -12.95 -21.00 13.21
N ALA A 125 -14.01 -20.49 13.81
CA ALA A 125 -15.22 -21.27 14.05
C ALA A 125 -16.10 -21.40 12.82
N VAL A 126 -15.93 -20.52 11.83
CA VAL A 126 -16.84 -20.43 10.70
C VAL A 126 -16.16 -20.82 9.40
N VAL A 127 -14.90 -20.41 9.20
CA VAL A 127 -14.21 -20.72 7.95
C VAL A 127 -14.22 -22.21 7.64
N PRO A 128 -13.88 -23.10 8.57
CA PRO A 128 -13.92 -24.54 8.24
C PRO A 128 -15.27 -24.98 7.68
N GLY A 129 -16.37 -24.55 8.30
CA GLY A 129 -17.69 -24.84 7.76
C GLY A 129 -17.86 -24.33 6.34
N MET A 130 -17.42 -23.08 6.09
CA MET A 130 -17.61 -22.48 4.78
C MET A 130 -16.84 -23.24 3.69
N ARG A 131 -15.58 -23.58 3.96
CA ARG A 131 -14.80 -24.34 3.00
C ARG A 131 -15.42 -25.71 2.73
N GLU A 132 -15.99 -26.32 3.77
CA GLU A 132 -16.63 -27.63 3.61
C GLU A 132 -17.88 -27.52 2.73
N ALA A 133 -18.69 -26.49 2.95
CA ALA A 133 -19.88 -26.28 2.13
C ALA A 133 -19.54 -25.73 0.76
N GLY A 134 -18.31 -25.26 0.55
CA GLY A 134 -17.91 -24.74 -0.73
C GLY A 134 -18.36 -23.32 -1.03
N PHE A 135 -18.92 -22.63 -0.05
CA PHE A 135 -19.32 -21.24 -0.23
C PHE A 135 -19.12 -20.52 1.09
N GLY A 136 -18.57 -19.31 1.01
CA GLY A 136 -18.40 -18.48 2.19
C GLY A 136 -18.07 -17.05 1.82
N ARG A 137 -18.59 -16.11 2.59
CA ARG A 137 -18.30 -14.69 2.42
C ARG A 137 -18.02 -14.13 3.81
N VAL A 138 -16.76 -13.79 4.08
CA VAL A 138 -16.36 -13.20 5.35
C VAL A 138 -16.04 -11.74 5.11
N VAL A 139 -16.66 -10.86 5.89
CA VAL A 139 -16.42 -9.42 5.80
C VAL A 139 -16.07 -8.92 7.20
N ASN A 140 -14.83 -8.46 7.36
CA ASN A 140 -14.37 -7.83 8.59
C ASN A 140 -14.59 -6.33 8.48
N ILE A 141 -15.18 -5.74 9.51
CA ILE A 141 -15.41 -4.31 9.56
C ILE A 141 -14.37 -3.71 10.51
N SER A 142 -13.45 -2.92 9.95
CA SER A 142 -12.44 -2.25 10.75
C SER A 142 -12.61 -0.74 10.58
N ASP A 143 -11.57 0.03 10.90
CA ASP A 143 -11.65 1.48 10.78
C ASP A 143 -10.24 2.01 10.59
N LEU A 144 -10.16 3.32 10.32
CA LEU A 144 -8.92 3.93 9.88
C LEU A 144 -7.81 3.87 10.91
N ARG A 145 -8.12 3.63 12.19
CA ARG A 145 -7.09 3.57 13.21
CA ARG A 145 -7.09 3.56 13.21
C ARG A 145 -6.14 2.38 13.02
N TYR A 146 -6.50 1.40 12.17
CA TYR A 146 -5.59 0.28 11.94
C TYR A 146 -4.32 0.75 11.24
N LEU A 147 -4.38 1.87 10.52
CA LEU A 147 -3.20 2.41 9.84
C LEU A 147 -2.26 3.14 10.80
N GLY A 148 -2.73 3.47 12.01
CA GLY A 148 -1.89 4.10 13.00
C GLY A 148 -1.98 5.62 13.02
N LEU A 149 -2.56 6.16 14.09
CA LEU A 149 -2.62 7.58 14.34
C LEU A 149 -2.17 7.85 15.77
N ALA A 150 -1.77 9.09 16.03
CA ALA A 150 -1.35 9.47 17.37
C ALA A 150 -2.47 9.20 18.36
N ASN A 151 -2.09 8.66 19.52
CA ASN A 151 -3.01 8.39 20.62
C ASN A 151 -4.04 7.32 20.26
N THR A 152 -3.59 6.29 19.53
CA THR A 152 -4.45 5.16 19.22
C THR A 152 -3.68 3.83 19.26
N SER A 153 -2.49 3.81 19.85
CA SER A 153 -1.59 2.67 19.68
C SER A 153 -2.25 1.35 20.04
N SER A 154 -2.99 1.30 21.16
CA SER A 154 -3.62 0.05 21.57
C SER A 154 -4.74 -0.34 20.62
N VAL A 155 -5.45 0.64 20.07
CA VAL A 155 -6.45 0.34 19.05
C VAL A 155 -5.76 -0.05 17.75
N ALA A 156 -4.72 0.70 17.36
CA ALA A 156 -4.05 0.42 16.09
C ALA A 156 -3.43 -0.97 16.09
N ALA A 157 -2.78 -1.35 17.19
CA ALA A 157 -2.17 -2.68 17.25
C ALA A 157 -3.21 -3.77 17.04
N ALA A 158 -4.38 -3.63 17.66
CA ALA A 158 -5.40 -4.67 17.56
C ALA A 158 -6.03 -4.69 16.17
N ARG A 159 -6.49 -3.54 15.69
CA ARG A 159 -7.11 -3.50 14.37
C ARG A 159 -6.13 -3.89 13.28
N SER A 160 -4.89 -3.41 13.38
CA SER A 160 -3.90 -3.65 12.34
C SER A 160 -3.64 -5.14 12.15
N GLY A 161 -3.90 -5.95 13.18
CA GLY A 161 -3.71 -7.39 13.05
C GLY A 161 -4.67 -8.03 12.08
N LEU A 162 -5.85 -7.43 11.91
CA LEU A 162 -6.85 -7.97 10.99
C LEU A 162 -6.40 -7.91 9.54
N PHE A 163 -5.49 -7.00 9.21
CA PHE A 163 -5.03 -6.88 7.82
C PHE A 163 -4.39 -8.16 7.34
N GLY A 164 -3.32 -8.60 8.01
CA GLY A 164 -2.67 -9.84 7.63
C GLY A 164 -3.54 -11.06 7.88
N LEU A 165 -4.33 -11.04 8.95
CA LEU A 165 -5.18 -12.18 9.25
C LEU A 165 -6.17 -12.45 8.13
N THR A 166 -6.91 -11.41 7.72
CA THR A 166 -7.90 -11.61 6.66
C THR A 166 -7.24 -12.11 5.39
N ARG A 167 -6.12 -11.50 4.99
CA ARG A 167 -5.44 -11.88 3.76
C ARG A 167 -4.85 -13.28 3.86
N ALA A 168 -4.32 -13.66 5.03
CA ALA A 168 -3.81 -15.01 5.20
C ALA A 168 -4.91 -16.05 4.96
N LEU A 169 -6.06 -15.87 5.61
CA LEU A 169 -7.15 -16.83 5.46
C LEU A 169 -7.83 -16.71 4.10
N ALA A 170 -7.82 -15.52 3.50
CA ALA A 170 -8.30 -15.41 2.12
C ALA A 170 -7.55 -16.38 1.22
N LEU A 171 -6.22 -16.37 1.31
CA LEU A 171 -5.43 -17.27 0.50
C LEU A 171 -5.61 -18.72 0.93
N GLU A 172 -5.73 -18.97 2.23
CA GLU A 172 -5.82 -20.35 2.70
C GLU A 172 -7.13 -21.00 2.29
N SER A 173 -8.20 -20.21 2.15
CA SER A 173 -9.52 -20.76 1.87
C SER A 173 -9.96 -20.55 0.44
N ALA A 174 -9.16 -19.85 -0.38
CA ALA A 174 -9.64 -19.41 -1.69
C ALA A 174 -10.17 -20.56 -2.52
N ARG A 175 -9.49 -21.71 -2.49
CA ARG A 175 -9.86 -22.78 -3.41
C ARG A 175 -11.25 -23.33 -3.15
N ASP A 176 -11.81 -23.11 -1.96
CA ASP A 176 -13.08 -23.72 -1.55
C ASP A 176 -14.22 -22.71 -1.54
N GLY A 177 -14.22 -21.78 -2.48
CA GLY A 177 -15.37 -20.90 -2.67
C GLY A 177 -15.59 -19.91 -1.57
N VAL A 178 -14.60 -19.65 -0.74
CA VAL A 178 -14.71 -18.71 0.36
C VAL A 178 -13.91 -17.46 0.02
N THR A 179 -14.45 -16.30 0.36
CA THR A 179 -13.74 -15.03 0.25
C THR A 179 -13.70 -14.35 1.62
N VAL A 180 -12.61 -13.67 1.90
CA VAL A 180 -12.42 -12.93 3.15
C VAL A 180 -11.97 -11.53 2.79
N ASN A 181 -12.79 -10.54 3.12
CA ASN A 181 -12.54 -9.15 2.76
C ASN A 181 -12.74 -8.27 3.98
N THR A 182 -12.27 -7.03 3.87
CA THR A 182 -12.35 -6.07 4.96
C THR A 182 -12.94 -4.76 4.46
N VAL A 183 -13.96 -4.28 5.16
CA VAL A 183 -14.49 -2.94 4.98
C VAL A 183 -13.92 -2.07 6.10
N VAL A 184 -13.20 -1.01 5.73
CA VAL A 184 -12.59 -0.11 6.69
C VAL A 184 -13.44 1.15 6.75
N MET A 185 -14.06 1.38 7.91
CA MET A 185 -14.91 2.54 8.10
C MET A 185 -14.05 3.78 8.30
N GLY A 186 -14.42 4.86 7.62
CA GLY A 186 -13.88 6.17 7.90
C GLY A 186 -14.62 6.79 9.07
N ASP A 187 -15.02 8.05 8.91
CA ASP A 187 -15.80 8.76 9.92
C ASP A 187 -17.28 8.58 9.65
N VAL A 188 -18.00 8.01 10.63
CA VAL A 188 -19.43 7.75 10.50
C VAL A 188 -20.19 8.66 11.45
N ASP A 189 -21.22 9.33 10.91
CA ASP A 189 -22.14 10.11 11.72
C ASP A 189 -22.86 9.20 12.69
N SER A 190 -23.25 9.76 13.84
CA SER A 190 -23.86 8.92 14.87
C SER A 190 -25.04 9.52 15.59
N GLU A 191 -25.38 10.79 15.39
CA GLU A 191 -26.46 11.49 16.09
C GLU A 191 -26.28 11.53 17.61
N THR A 192 -25.09 11.21 18.11
CA THR A 192 -24.64 11.58 19.43
C THR A 192 -23.37 12.38 19.35
N THR A 193 -22.76 12.46 18.15
CA THR A 193 -21.64 13.35 17.91
C THR A 193 -22.14 14.80 17.95
N PRO A 194 -21.34 15.72 18.50
CA PRO A 194 -21.76 17.13 18.48
C PRO A 194 -21.73 17.68 17.06
N ALA A 195 -22.71 18.53 16.75
CA ALA A 195 -22.70 19.20 15.46
C ALA A 195 -21.36 19.88 15.19
N ALA A 196 -20.70 20.33 16.26
CA ALA A 196 -19.40 21.00 16.10
C ALA A 196 -18.30 20.04 15.70
N GLU A 197 -18.37 18.78 16.13
CA GLU A 197 -17.40 17.79 15.69
C GLU A 197 -17.80 17.16 14.36
N ARG A 198 -19.06 17.34 13.93
CA ARG A 198 -19.43 16.93 12.58
C ARG A 198 -18.91 17.97 11.58
N GLU A 199 -19.15 19.25 11.87
CA GLU A 199 -18.70 20.31 10.96
C GLU A 199 -17.20 20.29 10.81
N LYS A 200 -16.47 20.02 11.89
CA LYS A 200 -15.02 19.93 11.79
C LYS A 200 -14.60 18.69 11.01
N LEU A 201 -15.19 17.54 11.31
CA LEU A 201 -14.79 16.31 10.63
C LEU A 201 -15.11 16.35 9.14
N ALA A 202 -16.29 16.85 8.78
CA ALA A 202 -16.70 16.82 7.38
C ALA A 202 -15.73 17.63 6.51
N GLY A 203 -15.19 18.72 7.05
CA GLY A 203 -14.27 19.54 6.28
C GLY A 203 -13.03 18.78 5.84
N GLY A 204 -12.60 17.83 6.65
CA GLY A 204 -11.42 17.03 6.36
C GLY A 204 -11.67 15.82 5.48
N ILE A 205 -12.86 15.68 4.92
CA ILE A 205 -13.23 14.55 4.09
C ILE A 205 -13.48 15.07 2.68
N PRO A 206 -12.84 14.49 1.65
CA PRO A 206 -12.99 15.06 0.31
C PRO A 206 -14.42 15.24 -0.16
N VAL A 207 -15.32 14.28 0.13
CA VAL A 207 -16.71 14.46 -0.29
C VAL A 207 -17.48 15.39 0.62
N LYS A 208 -16.85 15.90 1.68
CA LYS A 208 -17.39 16.99 2.50
C LYS A 208 -18.66 16.59 3.25
N ARG A 209 -18.83 15.31 3.55
CA ARG A 209 -19.92 14.81 4.37
CA ARG A 209 -19.91 14.84 4.40
C ARG A 209 -19.38 13.70 5.25
N LEU A 210 -20.05 13.47 6.37
CA LEU A 210 -19.74 12.30 7.18
C LEU A 210 -20.37 11.06 6.55
N GLY A 211 -19.79 9.92 6.83
CA GLY A 211 -20.39 8.68 6.37
C GLY A 211 -21.58 8.28 7.23
N THR A 212 -22.47 7.50 6.64
CA THR A 212 -23.61 6.96 7.35
C THR A 212 -23.45 5.45 7.52
N PRO A 213 -24.13 4.88 8.50
CA PRO A 213 -24.12 3.40 8.60
C PRO A 213 -24.56 2.72 7.33
N ALA A 214 -25.51 3.31 6.59
CA ALA A 214 -25.93 2.73 5.32
C ALA A 214 -24.76 2.67 4.33
N ASP A 215 -23.92 3.71 4.29
CA ASP A 215 -22.72 3.64 3.45
C ASP A 215 -21.93 2.37 3.77
N ILE A 216 -21.72 2.10 5.05
CA ILE A 216 -20.94 0.92 5.43
C ILE A 216 -21.65 -0.35 5.00
N ALA A 217 -22.95 -0.44 5.25
CA ALA A 217 -23.69 -1.65 4.90
C ALA A 217 -23.69 -1.91 3.40
N ASN A 218 -23.75 -0.84 2.60
CA ASN A 218 -23.72 -0.98 1.15
C ASN A 218 -22.44 -1.70 0.71
N ALA A 219 -21.29 -1.32 1.27
CA ALA A 219 -20.05 -1.98 0.90
C ALA A 219 -20.01 -3.41 1.43
N VAL A 220 -20.48 -3.61 2.66
CA VAL A 220 -20.55 -4.97 3.21
C VAL A 220 -21.44 -5.85 2.34
N GLY A 221 -22.59 -5.31 1.91
CA GLY A 221 -23.49 -6.09 1.09
C GLY A 221 -22.88 -6.49 -0.24
N PHE A 222 -22.06 -5.61 -0.81
CA PHE A 222 -21.40 -5.95 -2.07
C PHE A 222 -20.45 -7.13 -1.89
N LEU A 223 -19.61 -7.08 -0.86
CA LEU A 223 -18.64 -8.14 -0.65
C LEU A 223 -19.31 -9.47 -0.31
N ALA A 224 -20.47 -9.43 0.34
CA ALA A 224 -21.17 -10.64 0.74
C ALA A 224 -22.04 -11.23 -0.37
N ALA A 225 -22.19 -10.53 -1.50
CA ALA A 225 -23.06 -10.99 -2.57
C ALA A 225 -22.53 -12.28 -3.17
N ASP A 226 -23.46 -13.10 -3.66
CA ASP A 226 -23.06 -14.36 -4.28
C ASP A 226 -22.11 -14.13 -5.45
N SER A 227 -22.25 -13.01 -6.16
CA SER A 227 -21.51 -12.75 -7.37
C SER A 227 -20.12 -12.15 -7.13
N SER A 228 -19.80 -11.79 -5.89
CA SER A 228 -18.46 -11.27 -5.59
C SER A 228 -17.50 -12.41 -5.31
N LYS A 229 -17.56 -13.45 -6.15
CA LYS A 229 -16.80 -14.68 -5.93
C LYS A 229 -15.34 -14.57 -6.35
N TYR A 230 -14.95 -13.51 -7.05
CA TYR A 230 -13.58 -13.31 -7.51
C TYR A 230 -12.90 -12.14 -6.80
N VAL A 231 -13.52 -11.62 -5.74
CA VAL A 231 -12.98 -10.52 -4.95
C VAL A 231 -12.66 -11.08 -3.57
N THR A 232 -11.38 -11.12 -3.23
CA THR A 232 -10.99 -11.62 -1.92
C THR A 232 -9.68 -10.98 -1.51
N GLY A 233 -9.47 -10.93 -0.19
CA GLY A 233 -8.27 -10.33 0.37
C GLY A 233 -8.24 -8.83 0.33
N GLN A 234 -9.36 -8.18 0.09
CA GLN A 234 -9.39 -6.75 -0.17
C GLN A 234 -9.55 -5.94 1.11
N THR A 235 -8.96 -4.76 1.09
CA THR A 235 -9.08 -3.75 2.14
C THR A 235 -9.81 -2.57 1.49
N LEU A 236 -11.13 -2.57 1.59
CA LEU A 236 -11.98 -1.59 0.94
C LEU A 236 -12.34 -0.50 1.95
N PHE A 237 -11.86 0.72 1.70
CA PHE A 237 -12.18 1.84 2.57
C PHE A 237 -13.49 2.48 2.13
N VAL A 238 -14.34 2.78 3.12
CA VAL A 238 -15.59 3.49 2.92
C VAL A 238 -15.47 4.77 3.74
N CYS A 239 -14.80 5.78 3.19
CA CYS A 239 -14.26 6.86 3.99
C CYS A 239 -14.49 8.24 3.40
N GLY A 240 -15.21 8.36 2.29
CA GLY A 240 -15.36 9.65 1.65
C GLY A 240 -14.10 10.21 1.03
N GLY A 241 -13.05 9.40 0.91
CA GLY A 241 -11.80 9.83 0.34
C GLY A 241 -10.69 10.08 1.34
N LYS A 242 -10.99 10.05 2.64
CA LYS A 242 -9.98 10.38 3.63
C LYS A 242 -8.85 9.37 3.64
N SER A 243 -9.12 8.14 3.19
CA SER A 243 -8.05 7.15 3.14
C SER A 243 -6.98 7.50 2.10
N ALA A 244 -7.29 8.38 1.15
CA ALA A 244 -6.27 8.81 0.19
C ALA A 244 -5.17 9.64 0.82
N TYR A 245 -5.36 10.12 2.04
CA TYR A 245 -4.33 10.89 2.74
C TYR A 245 -3.31 10.02 3.45
N PHE A 246 -3.53 8.71 3.53
CA PHE A 246 -2.63 7.79 4.22
C PHE A 246 -1.73 7.09 3.21
N SER A 247 -0.43 7.05 3.49
CA SER A 247 0.43 6.09 2.83
C SER A 247 0.01 4.67 3.23
N MET A 248 0.14 3.74 2.29
CA MET A 248 -0.02 2.31 2.50
C MET A 248 -1.48 1.87 2.58
N SER A 249 -2.42 2.77 2.33
CA SER A 249 -3.82 2.35 2.20
C SER A 249 -4.11 1.73 0.84
N ILE A 250 -3.21 1.88 -0.13
CA ILE A 250 -3.25 1.13 -1.39
C ILE A 250 -1.88 0.47 -1.49
N GLY B 2 -28.93 1.60 -7.12
CA GLY B 2 -28.93 1.25 -8.53
C GLY B 2 -28.31 2.34 -9.41
N ILE B 3 -28.43 2.16 -10.72
CA ILE B 3 -27.93 3.15 -11.68
C ILE B 3 -29.01 3.43 -12.71
N GLN B 4 -30.27 3.18 -12.33
CA GLN B 4 -31.40 3.46 -13.20
C GLN B 4 -31.31 4.90 -13.71
N ASN B 5 -31.47 5.07 -15.02
CA ASN B 5 -31.55 6.36 -15.69
C ASN B 5 -30.23 7.13 -15.66
N ARG B 6 -29.14 6.47 -15.31
CA ARG B 6 -27.82 7.08 -15.45
C ARG B 6 -27.29 6.86 -16.85
N VAL B 7 -26.44 7.78 -17.30
CA VAL B 7 -25.76 7.70 -18.59
C VAL B 7 -24.31 7.31 -18.32
N ALA B 8 -23.85 6.24 -18.96
CA ALA B 8 -22.54 5.66 -18.71
C ALA B 8 -21.72 5.65 -19.98
N LEU B 9 -20.55 6.26 -19.93
CA LEU B 9 -19.56 6.20 -21.00
C LEU B 9 -18.47 5.20 -20.62
N ILE B 10 -18.36 4.12 -21.40
CA ILE B 10 -17.34 3.11 -21.20
C ILE B 10 -16.44 3.15 -22.43
N THR B 11 -15.22 3.64 -22.26
CA THR B 11 -14.26 3.67 -23.35
C THR B 11 -13.81 2.26 -23.71
N GLY B 12 -13.54 2.04 -24.98
CA GLY B 12 -13.10 0.72 -25.42
C GLY B 12 -14.07 -0.38 -25.10
N SER B 13 -15.37 -0.12 -25.24
CA SER B 13 -16.41 -1.07 -24.85
C SER B 13 -17.06 -1.74 -26.05
N ALA B 14 -16.43 -1.70 -27.22
CA ALA B 14 -16.98 -2.39 -28.38
C ALA B 14 -16.62 -3.87 -28.40
N SER B 15 -15.70 -4.31 -27.56
CA SER B 15 -15.36 -5.72 -27.45
C SER B 15 -14.73 -5.96 -26.08
N GLY B 16 -14.65 -7.23 -25.71
CA GLY B 16 -14.01 -7.62 -24.47
C GLY B 16 -14.86 -7.31 -23.26
N MET B 17 -14.20 -7.20 -22.11
CA MET B 17 -14.90 -6.95 -20.85
C MET B 17 -15.60 -5.61 -20.86
N GLY B 18 -15.04 -4.60 -21.52
CA GLY B 18 -15.74 -3.34 -21.63
C GLY B 18 -17.14 -3.51 -22.20
N LYS B 19 -17.25 -4.26 -23.31
CA LYS B 19 -18.56 -4.57 -23.86
C LYS B 19 -19.44 -5.27 -22.84
N GLN B 20 -18.90 -6.24 -22.10
CA GLN B 20 -19.73 -6.96 -21.14
C GLN B 20 -20.14 -6.05 -20.00
N THR B 21 -19.29 -5.08 -19.65
CA THR B 21 -19.67 -4.08 -18.66
C THR B 21 -20.78 -3.19 -19.18
N ALA B 22 -20.71 -2.79 -20.45
CA ALA B 22 -21.76 -1.97 -21.04
C ALA B 22 -23.08 -2.74 -21.07
N LEU B 23 -23.04 -3.99 -21.51
CA LEU B 23 -24.26 -4.80 -21.55
C LEU B 23 -24.91 -4.86 -20.17
N ARG B 24 -24.14 -5.20 -19.15
CA ARG B 24 -24.71 -5.31 -17.81
C ARG B 24 -25.20 -3.96 -17.30
N PHE B 25 -24.49 -2.89 -17.64
CA PHE B 25 -24.96 -1.55 -17.27
C PHE B 25 -26.30 -1.26 -17.92
N ALA B 26 -26.41 -1.50 -19.22
CA ALA B 26 -27.68 -1.27 -19.90
C ALA B 26 -28.79 -2.12 -19.30
N GLU B 27 -28.46 -3.37 -18.94
CA GLU B 27 -29.47 -4.25 -18.37
C GLU B 27 -29.95 -3.75 -17.02
N GLN B 28 -29.11 -3.02 -16.28
CA GLN B 28 -29.49 -2.48 -14.99
C GLN B 28 -30.06 -1.07 -15.09
N GLY B 29 -30.46 -0.65 -16.28
CA GLY B 29 -31.20 0.58 -16.45
C GLY B 29 -30.42 1.78 -16.95
N ALA B 30 -29.18 1.61 -17.36
CA ALA B 30 -28.35 2.72 -17.78
C ALA B 30 -28.40 2.89 -19.28
N ALA B 31 -28.31 4.14 -19.72
CA ALA B 31 -27.99 4.45 -21.11
C ALA B 31 -26.48 4.37 -21.26
N VAL B 32 -26.01 3.59 -22.24
CA VAL B 32 -24.59 3.29 -22.37
C VAL B 32 -24.09 3.87 -23.69
N VAL B 33 -22.90 4.45 -23.65
CA VAL B 33 -22.20 4.90 -24.85
C VAL B 33 -21.15 3.86 -25.19
N ILE B 34 -21.31 3.20 -26.33
CA ILE B 34 -20.32 2.26 -26.83
C ILE B 34 -19.22 3.05 -27.52
N ASN B 35 -18.00 2.95 -26.99
CA ASN B 35 -16.85 3.59 -27.60
C ASN B 35 -15.79 2.57 -27.99
N ASP B 36 -15.09 2.86 -29.08
CA ASP B 36 -13.89 2.15 -29.47
C ASP B 36 -13.22 2.98 -30.55
N ILE B 37 -11.95 2.69 -30.81
CA ILE B 37 -11.28 3.24 -31.98
C ILE B 37 -11.68 2.47 -33.22
N ASP B 38 -12.16 1.25 -33.02
CA ASP B 38 -12.63 0.44 -34.11
C ASP B 38 -14.06 0.78 -34.46
N ALA B 39 -14.25 1.55 -35.53
CA ALA B 39 -15.57 2.06 -35.84
C ALA B 39 -16.52 0.93 -36.24
N GLU B 40 -15.99 -0.13 -36.84
CA GLU B 40 -16.85 -1.24 -37.23
C GLU B 40 -17.27 -2.07 -36.00
N LYS B 41 -16.39 -2.22 -35.01
CA LYS B 41 -16.75 -2.89 -33.78
C LYS B 41 -17.76 -2.06 -33.01
N VAL B 42 -17.66 -0.73 -33.14
CA VAL B 42 -18.64 0.16 -32.52
C VAL B 42 -20.02 -0.09 -33.09
N ARG B 43 -20.12 -0.12 -34.41
CA ARG B 43 -21.43 -0.27 -35.04
C ARG B 43 -22.03 -1.63 -34.74
N ALA B 44 -21.21 -2.68 -34.77
CA ALA B 44 -21.73 -4.02 -34.51
C ALA B 44 -22.29 -4.13 -33.10
N THR B 45 -21.61 -3.56 -32.11
CA THR B 45 -22.09 -3.65 -30.75
C THR B 45 -23.30 -2.76 -30.53
N VAL B 46 -23.29 -1.55 -31.08
CA VAL B 46 -24.46 -0.68 -31.00
C VAL B 46 -25.66 -1.38 -31.60
N ASP B 47 -25.50 -1.96 -32.81
CA ASP B 47 -26.57 -2.73 -33.42
C ASP B 47 -27.03 -3.85 -32.50
N GLU B 48 -26.09 -4.65 -31.98
CA GLU B 48 -26.44 -5.74 -31.10
C GLU B 48 -27.25 -5.26 -29.90
N PHE B 49 -26.81 -4.16 -29.27
CA PHE B 49 -27.48 -3.70 -28.05
C PHE B 49 -28.85 -3.13 -28.35
N SER B 50 -28.97 -2.26 -29.36
CA SER B 50 -30.27 -1.74 -29.75
C SER B 50 -31.27 -2.87 -30.02
N ALA B 51 -30.83 -3.92 -30.71
CA ALA B 51 -31.71 -5.07 -30.92
C ALA B 51 -32.19 -5.67 -29.61
N ARG B 52 -31.33 -5.67 -28.59
CA ARG B 52 -31.71 -6.18 -27.28
C ARG B 52 -32.58 -5.20 -26.49
N GLY B 53 -32.92 -4.06 -27.07
CA GLY B 53 -33.79 -3.11 -26.39
C GLY B 53 -33.06 -2.10 -25.52
N HIS B 54 -31.75 -1.98 -25.67
CA HIS B 54 -30.96 -1.11 -24.80
C HIS B 54 -30.86 0.30 -25.39
N ARG B 55 -30.80 1.28 -24.49
CA ARG B 55 -30.56 2.67 -24.86
C ARG B 55 -29.05 2.85 -25.01
N VAL B 56 -28.60 2.98 -26.25
CA VAL B 56 -27.17 2.91 -26.57
C VAL B 56 -26.84 3.87 -27.70
N LEU B 57 -25.64 4.43 -27.60
CA LEU B 57 -25.11 5.35 -28.60
C LEU B 57 -23.67 4.95 -28.93
N GLY B 58 -23.34 4.96 -30.22
CA GLY B 58 -21.97 4.74 -30.65
C GLY B 58 -21.21 6.04 -30.74
N ALA B 59 -19.98 6.05 -30.21
CA ALA B 59 -19.12 7.24 -30.20
C ALA B 59 -17.71 6.78 -30.54
N VAL B 60 -17.39 6.76 -31.83
CA VAL B 60 -16.06 6.34 -32.28
C VAL B 60 -15.05 7.42 -31.97
N ALA B 61 -13.98 7.05 -31.28
CA ALA B 61 -12.93 8.03 -30.99
C ALA B 61 -11.70 7.34 -30.42
N ASP B 62 -10.52 7.79 -30.86
CA ASP B 62 -9.26 7.42 -30.23
C ASP B 62 -9.17 8.17 -28.92
N ILE B 63 -9.44 7.49 -27.80
CA ILE B 63 -9.43 8.14 -26.50
C ILE B 63 -8.07 8.69 -26.13
N GLY B 64 -7.04 8.32 -26.88
CA GLY B 64 -5.74 8.93 -26.71
C GLY B 64 -5.55 10.26 -27.42
N ASN B 65 -6.53 10.71 -28.18
CA ASN B 65 -6.48 11.96 -28.92
C ASN B 65 -7.47 12.93 -28.31
N LYS B 66 -7.00 14.10 -27.90
CA LYS B 66 -7.86 15.01 -27.14
C LYS B 66 -9.05 15.48 -27.98
N ALA B 67 -8.80 15.83 -29.24
CA ALA B 67 -9.89 16.31 -30.08
C ALA B 67 -10.94 15.24 -30.27
N ALA B 68 -10.52 13.99 -30.50
CA ALA B 68 -11.48 12.90 -30.65
C ALA B 68 -12.25 12.68 -29.35
N VAL B 69 -11.58 12.85 -28.21
CA VAL B 69 -12.26 12.64 -26.93
C VAL B 69 -13.35 13.70 -26.74
N ASP B 70 -13.03 14.97 -27.05
CA ASP B 70 -14.02 16.02 -26.88
C ASP B 70 -15.23 15.80 -27.76
N GLY B 71 -15.02 15.31 -28.99
CA GLY B 71 -16.14 15.02 -29.86
C GLY B 71 -17.01 13.90 -29.34
N MET B 72 -16.38 12.90 -28.71
CA MET B 72 -17.16 11.84 -28.06
C MET B 72 -18.01 12.41 -26.95
N VAL B 73 -17.44 13.27 -26.11
CA VAL B 73 -18.19 13.83 -25.00
C VAL B 73 -19.31 14.73 -25.51
N LYS B 74 -19.05 15.49 -26.56
CA LYS B 74 -20.10 16.30 -27.19
C LYS B 74 -21.22 15.43 -27.73
N GLN B 75 -20.87 14.37 -28.45
CA GLN B 75 -21.88 13.45 -28.97
C GLN B 75 -22.68 12.84 -27.84
N THR B 76 -22.03 12.50 -26.74
CA THR B 76 -22.76 11.95 -25.60
C THR B 76 -23.71 12.98 -25.01
N ILE B 77 -23.26 14.23 -24.84
CA ILE B 77 -24.10 15.24 -24.22
C ILE B 77 -25.24 15.64 -25.13
N ASP B 78 -24.98 15.80 -26.43
CA ASP B 78 -26.07 16.08 -27.36
C ASP B 78 -27.14 15.01 -27.29
N ALA B 79 -26.72 13.74 -27.15
CA ALA B 79 -27.68 12.64 -27.20
C ALA B 79 -28.45 12.50 -25.89
N PHE B 80 -27.74 12.43 -24.76
CA PHE B 80 -28.35 12.10 -23.48
C PHE B 80 -28.39 13.26 -22.49
N GLY B 81 -27.75 14.40 -22.80
CA GLY B 81 -27.84 15.57 -21.95
C GLY B 81 -26.99 15.54 -20.70
N ARG B 82 -26.34 14.42 -20.39
CA ARG B 82 -25.54 14.34 -19.16
C ARG B 82 -24.63 13.13 -19.28
N ILE B 83 -23.62 13.08 -18.42
CA ILE B 83 -22.75 11.93 -18.28
C ILE B 83 -22.60 11.68 -16.78
N ASP B 84 -23.27 10.62 -16.30
CA ASP B 84 -23.24 10.27 -14.89
C ASP B 84 -22.07 9.38 -14.51
N ILE B 85 -21.63 8.51 -15.42
CA ILE B 85 -20.62 7.50 -15.15
C ILE B 85 -19.63 7.47 -16.29
N LEU B 86 -18.35 7.40 -15.96
CA LEU B 86 -17.29 7.21 -16.94
C LEU B 86 -16.45 6.03 -16.49
N VAL B 87 -16.31 5.03 -17.36
CA VAL B 87 -15.45 3.88 -17.11
C VAL B 87 -14.32 3.94 -18.12
N ASN B 88 -13.11 4.20 -17.64
CA ASN B 88 -11.93 4.29 -18.50
C ASN B 88 -11.36 2.89 -18.67
N ASN B 89 -12.00 2.13 -19.57
CA ASN B 89 -11.65 0.74 -19.82
C ASN B 89 -10.71 0.55 -20.99
N ALA B 90 -10.67 1.49 -21.92
CA ALA B 90 -9.78 1.38 -23.06
C ALA B 90 -8.33 1.29 -22.61
N GLY B 91 -7.62 0.27 -23.10
CA GLY B 91 -6.23 0.07 -22.73
C GLY B 91 -5.56 -0.86 -23.72
N MET B 92 -4.24 -0.98 -23.55
CA MET B 92 -3.42 -1.80 -24.44
C MET B 92 -2.06 -1.95 -23.79
N GLU B 93 -1.21 -2.79 -24.41
CA GLU B 93 0.12 -3.00 -23.87
C GLU B 93 1.09 -3.41 -24.98
N ARG B 94 2.27 -2.79 -24.96
CA ARG B 94 3.47 -3.35 -25.56
C ARG B 94 4.46 -3.69 -24.46
N ALA B 95 4.91 -4.94 -24.43
CA ALA B 95 5.78 -5.47 -23.41
C ALA B 95 7.04 -6.01 -24.06
N GLY B 96 8.01 -6.35 -23.22
CA GLY B 96 9.29 -6.85 -23.66
C GLY B 96 10.36 -6.48 -22.66
N ALA B 97 11.48 -7.19 -22.74
CA ALA B 97 12.62 -6.85 -21.92
C ALA B 97 12.93 -5.37 -22.07
N LEU B 98 13.44 -4.78 -20.99
CA LEU B 98 13.73 -3.35 -21.00
C LEU B 98 14.52 -2.95 -22.23
N ARG B 99 15.57 -3.71 -22.55
CA ARG B 99 16.44 -3.35 -23.66
C ARG B 99 15.72 -3.42 -25.00
N LYS B 100 14.64 -4.22 -25.11
CA LYS B 100 13.95 -4.40 -26.39
C LYS B 100 12.77 -3.47 -26.57
N LEU B 101 12.50 -2.60 -25.61
CA LEU B 101 11.34 -1.70 -25.72
C LEU B 101 11.69 -0.49 -26.57
N SER B 102 10.99 -0.36 -27.69
CA SER B 102 11.14 0.81 -28.54
C SER B 102 10.53 2.03 -27.87
N GLU B 103 11.00 3.21 -28.30
CA GLU B 103 10.39 4.44 -27.82
C GLU B 103 8.90 4.46 -28.14
N ALA B 104 8.51 3.81 -29.25
CA ALA B 104 7.11 3.75 -29.62
C ALA B 104 6.33 2.77 -28.75
N ASP B 105 6.95 1.65 -28.36
CA ASP B 105 6.31 0.75 -27.41
C ASP B 105 5.94 1.49 -26.14
N TRP B 106 6.80 2.41 -25.70
CA TRP B 106 6.53 3.19 -24.50
C TRP B 106 5.46 4.25 -24.75
N ASP B 107 5.64 5.04 -25.80
CA ASP B 107 4.78 6.21 -26.01
C ASP B 107 3.32 5.82 -26.08
N VAL B 108 3.01 4.70 -26.75
CA VAL B 108 1.63 4.33 -27.01
C VAL B 108 0.98 3.74 -25.78
N THR B 109 1.67 2.85 -25.06
CA THR B 109 1.11 2.30 -23.84
C THR B 109 0.76 3.41 -22.86
N ILE B 110 1.66 4.40 -22.73
CA ILE B 110 1.38 5.55 -21.87
C ILE B 110 0.20 6.34 -22.41
N ASN B 111 0.17 6.56 -23.72
CA ASN B 111 -0.84 7.42 -24.32
C ASN B 111 -2.24 6.86 -24.14
N VAL B 112 -2.44 5.57 -24.46
CA VAL B 112 -3.77 5.01 -24.38
C VAL B 112 -4.22 4.86 -22.94
N ASN B 113 -3.40 4.21 -22.11
CA ASN B 113 -3.83 3.86 -20.75
C ASN B 113 -3.86 5.07 -19.84
N LEU B 114 -2.77 5.83 -19.77
CA LEU B 114 -2.65 6.88 -18.78
C LEU B 114 -3.20 8.21 -19.28
N LYS B 115 -2.66 8.74 -20.37
CA LYS B 115 -3.17 10.01 -20.90
C LYS B 115 -4.62 9.88 -21.33
N GLY B 116 -4.96 8.79 -22.01
CA GLY B 116 -6.34 8.59 -22.42
C GLY B 116 -7.29 8.68 -21.24
N THR B 117 -6.94 8.03 -20.13
CA THR B 117 -7.75 8.12 -18.93
C THR B 117 -7.79 9.55 -18.41
N PHE B 118 -6.68 10.27 -18.53
CA PHE B 118 -6.68 11.67 -18.14
C PHE B 118 -7.56 12.49 -19.07
N LEU B 119 -7.48 12.25 -20.37
CA LEU B 119 -8.25 13.06 -21.33
C LEU B 119 -9.74 12.87 -21.12
N CYS B 120 -10.19 11.61 -20.98
CA CYS B 120 -11.61 11.36 -20.81
C CYS B 120 -12.12 11.89 -19.49
N THR B 121 -11.37 11.68 -18.40
CA THR B 121 -11.80 12.21 -17.11
C THR B 121 -11.91 13.72 -17.15
N GLN B 122 -10.94 14.39 -17.76
CA GLN B 122 -10.99 15.84 -17.88
C GLN B 122 -12.19 16.29 -18.70
N ALA B 123 -12.38 15.68 -19.88
CA ALA B 123 -13.44 16.14 -20.76
C ALA B 123 -14.83 15.90 -20.16
N VAL B 124 -14.95 14.90 -19.29
CA VAL B 124 -16.26 14.55 -18.75
C VAL B 124 -16.59 15.28 -17.46
N HIS B 125 -15.58 15.63 -16.64
CA HIS B 125 -15.85 15.96 -15.25
C HIS B 125 -16.69 17.22 -15.10
N GLY B 126 -16.50 18.20 -15.99
CA GLY B 126 -17.28 19.42 -15.88
C GLY B 126 -18.78 19.19 -15.97
N HIS B 127 -19.20 18.20 -16.75
CA HIS B 127 -20.62 17.87 -16.82
C HIS B 127 -21.11 17.25 -15.51
N MET B 128 -20.30 16.39 -14.88
CA MET B 128 -20.70 15.84 -13.59
C MET B 128 -20.74 16.93 -12.52
N VAL B 129 -19.82 17.88 -12.59
CA VAL B 129 -19.85 19.00 -11.64
C VAL B 129 -21.18 19.75 -11.76
N GLU B 130 -21.61 19.99 -13.00
CA GLU B 130 -22.88 20.70 -13.23
C GLU B 130 -24.03 19.96 -12.57
N ASN B 131 -24.05 18.64 -12.68
CA ASN B 131 -25.09 17.80 -12.10
C ASN B 131 -24.84 17.43 -10.65
N LYS B 132 -23.72 17.85 -10.07
CA LYS B 132 -23.37 17.51 -8.69
C LYS B 132 -23.48 16.00 -8.46
N HIS B 133 -23.08 15.22 -9.46
CA HIS B 133 -23.08 13.78 -9.32
C HIS B 133 -22.20 13.20 -10.42
N GLY B 134 -21.29 12.32 -10.04
CA GLY B 134 -20.46 11.64 -11.00
C GLY B 134 -19.83 10.41 -10.41
N ARG B 135 -19.60 9.40 -11.26
CA ARG B 135 -18.86 8.21 -10.91
C ARG B 135 -17.79 8.00 -11.97
N ILE B 136 -16.53 8.07 -11.58
CA ILE B 136 -15.40 7.81 -12.46
C ILE B 136 -14.71 6.55 -11.94
N VAL B 137 -14.64 5.51 -12.77
CA VAL B 137 -13.96 4.28 -12.41
C VAL B 137 -12.90 4.01 -13.48
N ASN B 138 -11.65 3.86 -13.05
CA ASN B 138 -10.54 3.63 -13.95
C ASN B 138 -10.14 2.16 -13.87
N ILE B 139 -9.90 1.56 -15.02
CA ILE B 139 -9.45 0.17 -15.08
C ILE B 139 -7.93 0.19 -15.12
N ALA B 140 -7.31 -0.27 -14.05
CA ALA B 140 -5.86 -0.40 -13.95
C ALA B 140 -5.49 -1.87 -14.17
N SER B 141 -4.70 -2.50 -13.32
CA SER B 141 -4.30 -3.88 -13.50
C SER B 141 -3.51 -4.28 -12.28
N ARG B 142 -3.50 -5.57 -11.98
CA ARG B 142 -2.59 -6.10 -10.97
C ARG B 142 -1.15 -5.69 -11.28
N ALA B 143 -0.86 -5.41 -12.55
CA ALA B 143 0.50 -5.12 -12.99
C ALA B 143 0.98 -3.74 -12.56
N TRP B 144 0.13 -2.89 -11.98
CA TRP B 144 0.64 -1.64 -11.42
C TRP B 144 1.59 -1.92 -10.26
N LEU B 145 1.45 -3.07 -9.61
CA LEU B 145 2.36 -3.53 -8.58
C LEU B 145 3.70 -3.97 -9.14
N GLY B 146 3.85 -3.98 -10.47
CA GLY B 146 5.11 -4.36 -11.07
C GLY B 146 5.08 -5.69 -11.78
N GLY B 147 5.47 -5.70 -13.06
CA GLY B 147 5.59 -6.93 -13.81
C GLY B 147 6.84 -6.98 -14.65
N ALA B 148 7.62 -8.04 -14.53
CA ALA B 148 8.83 -8.18 -15.35
C ALA B 148 8.43 -8.16 -16.82
N GLY B 149 9.22 -7.43 -17.62
CA GLY B 149 8.91 -7.26 -19.02
C GLY B 149 7.73 -6.37 -19.33
N GLN B 150 7.22 -5.65 -18.33
CA GLN B 150 6.04 -4.82 -18.52
C GLN B 150 6.30 -3.39 -18.06
N THR B 151 7.50 -2.88 -18.27
CA THR B 151 7.80 -1.52 -17.86
C THR B 151 6.75 -0.52 -18.32
N PRO B 152 6.35 -0.48 -19.60
CA PRO B 152 5.37 0.54 -20.01
C PRO B 152 3.99 0.34 -19.38
N TYR B 153 3.50 -0.89 -19.35
CA TYR B 153 2.18 -1.18 -18.79
C TYR B 153 2.16 -0.91 -17.29
N SER B 154 3.18 -1.37 -16.56
CA SER B 154 3.21 -1.11 -15.12
C SER B 154 3.28 0.38 -14.81
N SER B 155 4.09 1.12 -15.58
CA SER B 155 4.17 2.57 -15.40
C SER B 155 2.81 3.21 -15.66
N ALA B 156 2.17 2.88 -16.77
CA ALA B 156 0.92 3.53 -17.15
C ALA B 156 -0.18 3.25 -16.12
N LYS B 157 -0.37 1.98 -15.77
CA LYS B 157 -1.46 1.64 -14.86
C LYS B 157 -1.20 2.11 -13.43
N ALA B 158 0.06 2.12 -13.00
CA ALA B 158 0.39 2.76 -11.73
C ALA B 158 0.08 4.25 -11.78
N GLY B 159 0.35 4.90 -12.91
CA GLY B 159 -0.04 6.30 -13.07
C GLY B 159 -1.54 6.49 -12.95
N VAL B 160 -2.31 5.53 -13.47
CA VAL B 160 -3.76 5.59 -13.32
C VAL B 160 -4.15 5.52 -11.85
N VAL B 161 -3.38 4.79 -11.04
CA VAL B 161 -3.67 4.70 -9.62
C VAL B 161 -3.45 6.05 -8.95
N GLY B 162 -2.34 6.72 -9.26
CA GLY B 162 -2.11 8.04 -8.71
C GLY B 162 -3.16 9.05 -9.14
N MET B 163 -3.55 8.99 -10.41
CA MET B 163 -4.61 9.88 -10.88
C MET B 163 -5.90 9.64 -10.11
N THR B 164 -6.24 8.38 -9.88
CA THR B 164 -7.44 8.04 -9.14
C THR B 164 -7.44 8.69 -7.76
N ARG B 165 -6.31 8.58 -7.05
CA ARG B 165 -6.20 9.14 -5.71
C ARG B 165 -6.26 10.66 -5.75
N ALA B 166 -5.51 11.28 -6.67
CA ALA B 166 -5.48 12.73 -6.75
C ALA B 166 -6.88 13.30 -7.02
N LEU B 167 -7.57 12.73 -8.00
CA LEU B 167 -8.87 13.28 -8.40
C LEU B 167 -9.96 12.91 -7.41
N ALA B 168 -9.88 11.76 -6.75
CA ALA B 168 -10.82 11.47 -5.67
C ALA B 168 -10.79 12.58 -4.63
N ILE B 169 -9.59 13.06 -4.31
CA ILE B 169 -9.46 14.14 -3.34
C ILE B 169 -10.05 15.42 -3.90
N GLU B 170 -9.73 15.73 -5.15
CA GLU B 170 -10.07 17.02 -5.73
C GLU B 170 -11.56 17.12 -6.07
N LEU B 171 -12.12 16.09 -6.68
CA LEU B 171 -13.47 16.15 -7.22
C LEU B 171 -14.54 15.75 -6.21
N GLY B 172 -14.16 15.27 -5.03
CA GLY B 172 -15.14 14.76 -4.09
C GLY B 172 -16.15 15.81 -3.68
N ARG B 173 -15.71 17.05 -3.52
CA ARG B 173 -16.62 18.11 -3.08
C ARG B 173 -17.70 18.39 -4.10
N ALA B 174 -17.50 18.02 -5.36
CA ALA B 174 -18.49 18.24 -6.40
C ALA B 174 -19.44 17.07 -6.56
N GLY B 175 -19.40 16.10 -5.65
CA GLY B 175 -20.25 14.93 -5.77
C GLY B 175 -19.75 13.88 -6.73
N ILE B 176 -18.45 13.89 -7.02
CA ILE B 176 -17.83 12.94 -7.95
C ILE B 176 -16.95 11.99 -7.14
N THR B 177 -17.15 10.70 -7.32
CA THR B 177 -16.23 9.70 -6.80
C THR B 177 -15.35 9.20 -7.95
N VAL B 178 -14.11 8.88 -7.60
CA VAL B 178 -13.11 8.41 -8.55
C VAL B 178 -12.49 7.17 -7.94
N ASN B 179 -12.70 6.02 -8.59
CA ASN B 179 -12.22 4.75 -8.08
C ASN B 179 -11.47 4.02 -9.18
N CYS B 180 -10.81 2.93 -8.80
CA CYS B 180 -10.00 2.16 -9.72
C CYS B 180 -10.25 0.67 -9.47
N VAL B 181 -10.40 -0.07 -10.56
CA VAL B 181 -10.52 -1.53 -10.49
C VAL B 181 -9.27 -2.11 -11.16
N ALA B 182 -8.59 -3.01 -10.44
CA ALA B 182 -7.36 -3.63 -10.92
C ALA B 182 -7.65 -5.11 -11.18
N PRO B 183 -8.03 -5.49 -12.40
CA PRO B 183 -8.32 -6.89 -12.67
C PRO B 183 -7.07 -7.74 -12.62
N GLY B 184 -7.20 -8.92 -12.02
CA GLY B 184 -6.17 -9.92 -12.13
C GLY B 184 -6.27 -10.61 -13.47
N LEU B 185 -6.42 -11.93 -13.46
CA LEU B 185 -6.50 -12.74 -14.66
C LEU B 185 -7.95 -13.05 -14.99
N ILE B 186 -8.36 -12.75 -16.22
CA ILE B 186 -9.76 -12.75 -16.62
C ILE B 186 -9.92 -13.57 -17.89
N HIS B 187 -10.93 -14.45 -17.91
CA HIS B 187 -11.25 -15.22 -19.12
C HIS B 187 -11.54 -14.29 -20.29
N THR B 188 -10.72 -14.34 -21.32
CA THR B 188 -10.77 -13.46 -22.46
C THR B 188 -10.66 -14.21 -23.76
N PRO B 189 -10.99 -13.57 -24.88
CA PRO B 189 -10.79 -14.23 -26.18
C PRO B 189 -9.35 -14.61 -26.45
N MET B 190 -8.38 -13.80 -26.02
CA MET B 190 -7.02 -14.29 -26.10
C MET B 190 -6.98 -15.69 -25.51
N TRP B 191 -7.45 -15.82 -24.27
CA TRP B 191 -7.35 -17.06 -23.52
C TRP B 191 -7.94 -18.24 -24.29
N ASP B 192 -9.12 -18.04 -24.90
CA ASP B 192 -9.73 -19.14 -25.65
C ASP B 192 -8.98 -19.47 -26.93
N GLU B 193 -8.14 -18.56 -27.43
CA GLU B 193 -7.37 -18.79 -28.66
C GLU B 193 -5.96 -19.28 -28.38
N LEU B 194 -5.72 -19.90 -27.23
CA LEU B 194 -4.39 -20.33 -26.84
C LEU B 194 -4.25 -21.86 -26.83
N PRO B 195 -3.01 -22.35 -26.78
CA PRO B 195 -2.78 -23.79 -26.56
C PRO B 195 -2.72 -24.15 -25.09
N GLU B 196 -3.06 -25.42 -24.83
CA GLU B 196 -3.32 -25.88 -23.47
C GLU B 196 -2.18 -25.54 -22.49
N LYS B 197 -0.94 -25.82 -22.87
CA LYS B 197 0.15 -25.67 -21.90
C LYS B 197 0.24 -24.25 -21.37
N ASP B 198 -0.02 -23.25 -22.22
CA ASP B 198 -0.09 -21.89 -21.73
C ASP B 198 -1.10 -21.81 -20.59
N GLN B 199 -2.34 -22.21 -20.87
CA GLN B 199 -3.42 -22.10 -19.90
C GLN B 199 -3.03 -22.69 -18.53
N GLN B 200 -2.47 -23.90 -18.53
CA GLN B 200 -2.33 -24.63 -17.26
C GLN B 200 -1.29 -24.05 -16.32
N PHE B 201 -0.34 -23.25 -16.81
CA PHE B 201 0.60 -22.61 -15.90
C PHE B 201 -0.08 -21.49 -15.10
N LEU B 202 -0.82 -20.62 -15.79
CA LEU B 202 -1.42 -19.47 -15.14
C LEU B 202 -2.48 -19.89 -14.12
N LEU B 203 -3.41 -20.75 -14.54
CA LEU B 203 -4.40 -21.29 -13.61
C LEU B 203 -3.73 -21.78 -12.32
N SER B 204 -2.60 -22.48 -12.45
CA SER B 204 -1.88 -22.97 -11.28
C SER B 204 -1.45 -21.85 -10.36
N ARG B 205 -1.32 -20.63 -10.86
CA ARG B 205 -0.96 -19.46 -10.06
C ARG B 205 -2.18 -18.77 -9.45
N GLN B 206 -3.38 -19.34 -9.60
CA GLN B 206 -4.60 -18.72 -9.09
C GLN B 206 -4.98 -19.32 -7.75
N PRO B 207 -5.15 -18.49 -6.70
CA PRO B 207 -5.59 -19.07 -5.42
C PRO B 207 -6.92 -19.81 -5.52
N THR B 208 -7.89 -19.26 -6.26
CA THR B 208 -9.16 -19.94 -6.42
C THR B 208 -9.05 -21.17 -7.34
N GLY B 209 -7.95 -21.30 -8.07
CA GLY B 209 -7.82 -22.34 -9.05
C GLY B 209 -8.67 -22.16 -10.30
N LYS B 210 -9.43 -21.08 -10.38
CA LYS B 210 -10.32 -20.81 -11.50
C LYS B 210 -10.00 -19.44 -12.06
N LEU B 211 -10.45 -19.21 -13.29
CA LEU B 211 -10.28 -17.91 -13.92
C LEU B 211 -11.44 -17.00 -13.56
N GLY B 212 -11.13 -15.70 -13.44
CA GLY B 212 -12.18 -14.71 -13.36
C GLY B 212 -12.85 -14.52 -14.71
N GLU B 213 -14.11 -14.09 -14.66
CA GLU B 213 -14.89 -13.87 -15.87
C GLU B 213 -15.23 -12.40 -16.01
N PRO B 214 -15.56 -11.94 -17.23
CA PRO B 214 -15.88 -10.52 -17.40
C PRO B 214 -16.99 -10.03 -16.48
N ASP B 215 -17.97 -10.88 -16.16
CA ASP B 215 -19.03 -10.48 -15.25
C ASP B 215 -18.46 -10.08 -13.89
N ASP B 216 -17.38 -10.74 -13.45
CA ASP B 216 -16.76 -10.33 -12.19
C ASP B 216 -16.35 -8.87 -12.23
N ILE B 217 -15.85 -8.42 -13.37
CA ILE B 217 -15.50 -7.01 -13.53
C ILE B 217 -16.76 -6.15 -13.60
N ALA B 218 -17.70 -6.55 -14.46
CA ALA B 218 -18.94 -5.80 -14.61
C ALA B 218 -19.66 -5.65 -13.27
N ASN B 219 -19.72 -6.72 -12.48
CA ASN B 219 -20.44 -6.65 -11.21
C ASN B 219 -19.72 -5.72 -10.22
N THR B 220 -18.39 -5.78 -10.19
CA THR B 220 -17.64 -4.86 -9.34
C THR B 220 -17.84 -3.41 -9.77
N LEU B 221 -17.85 -3.17 -11.09
CA LEU B 221 -18.06 -1.81 -11.59
C LEU B 221 -19.48 -1.32 -11.31
N LEU B 222 -20.46 -2.22 -11.38
CA LEU B 222 -21.82 -1.82 -11.03
C LEU B 222 -21.90 -1.33 -9.59
N PHE B 223 -21.12 -1.95 -8.70
CA PHE B 223 -21.12 -1.50 -7.31
C PHE B 223 -20.53 -0.10 -7.18
N LEU B 224 -19.36 0.13 -7.79
CA LEU B 224 -18.70 1.43 -7.65
C LEU B 224 -19.50 2.54 -8.31
N ALA B 225 -20.23 2.23 -9.38
CA ALA B 225 -21.00 3.25 -10.09
C ALA B 225 -22.34 3.53 -9.43
N ASP B 226 -22.79 2.68 -8.51
CA ASP B 226 -24.14 2.77 -7.97
C ASP B 226 -24.38 4.13 -7.32
N ASP B 227 -25.62 4.59 -7.43
CA ASP B 227 -26.03 5.80 -6.72
C ASP B 227 -25.72 5.70 -5.23
N ASP B 228 -25.77 4.49 -4.66
CA ASP B 228 -25.58 4.28 -3.24
C ASP B 228 -24.12 4.31 -2.80
N SER B 229 -23.17 4.31 -3.73
CA SER B 229 -21.75 4.21 -3.43
C SER B 229 -21.05 5.56 -3.43
N GLY B 230 -21.77 6.62 -3.04
CA GLY B 230 -21.19 7.95 -3.07
C GLY B 230 -20.11 8.20 -2.04
N PHE B 231 -20.03 7.38 -1.01
CA PHE B 231 -19.01 7.54 0.01
C PHE B 231 -17.79 6.68 -0.26
N VAL B 232 -17.79 5.92 -1.35
CA VAL B 232 -16.64 5.13 -1.79
C VAL B 232 -15.89 5.94 -2.84
N THR B 233 -14.64 6.31 -2.54
CA THR B 233 -13.84 7.05 -3.50
C THR B 233 -12.36 6.92 -3.12
N GLY B 234 -11.50 7.07 -4.11
CA GLY B 234 -10.08 6.94 -3.90
C GLY B 234 -9.59 5.52 -3.76
N GLN B 235 -10.39 4.53 -4.15
CA GLN B 235 -10.10 3.14 -3.85
C GLN B 235 -9.46 2.43 -5.04
N VAL B 236 -8.62 1.45 -4.71
CA VAL B 236 -8.07 0.50 -5.67
C VAL B 236 -8.59 -0.88 -5.25
N LEU B 237 -9.55 -1.41 -6.00
CA LEU B 237 -10.21 -2.66 -5.66
C LEU B 237 -9.78 -3.72 -6.68
N TYR B 238 -9.15 -4.77 -6.19
CA TYR B 238 -8.65 -5.83 -7.06
C TYR B 238 -9.76 -6.85 -7.31
N VAL B 239 -9.88 -7.26 -8.56
CA VAL B 239 -10.77 -8.33 -8.98
C VAL B 239 -9.85 -9.42 -9.53
N CYS B 240 -9.25 -10.18 -8.61
CA CYS B 240 -8.16 -11.08 -8.96
CA CYS B 240 -8.16 -11.09 -8.97
C CYS B 240 -8.30 -12.50 -8.44
N GLY B 241 -9.31 -12.79 -7.61
CA GLY B 241 -9.39 -14.10 -7.01
C GLY B 241 -8.27 -14.38 -6.04
N GLY B 242 -7.67 -13.33 -5.47
CA GLY B 242 -6.60 -13.47 -4.51
C GLY B 242 -5.20 -13.42 -5.10
N ARG B 243 -5.06 -13.48 -6.41
CA ARG B 243 -3.72 -13.46 -7.01
C ARG B 243 -2.94 -12.21 -6.60
N SER B 244 -3.62 -11.07 -6.45
CA SER B 244 -2.91 -9.84 -6.12
C SER B 244 -2.27 -9.90 -4.73
N LEU B 245 -2.76 -10.77 -3.85
CA LEU B 245 -2.15 -10.87 -2.52
C LEU B 245 -0.75 -11.45 -2.59
N PHE B 246 -0.49 -12.35 -3.52
CA PHE B 246 0.89 -12.79 -3.79
C PHE B 246 0.95 -13.32 -5.22
N ALA B 247 1.70 -12.64 -6.08
CA ALA B 247 1.77 -12.97 -7.50
C ALA B 247 3.13 -13.55 -7.88
N GLY B 248 3.78 -14.21 -6.94
CA GLY B 248 5.10 -14.75 -7.18
C GLY B 248 5.11 -16.26 -7.39
N GLY C 7 29.12 7.29 21.73
CA GLY C 7 28.54 7.13 23.05
C GLY C 7 27.02 7.03 23.03
N LYS C 8 26.52 6.22 22.09
CA LYS C 8 25.09 6.01 21.90
C LYS C 8 24.75 4.62 22.43
N VAL C 9 23.55 4.46 22.96
CA VAL C 9 23.15 3.24 23.66
C VAL C 9 21.99 2.60 22.91
N ALA C 10 22.07 1.28 22.73
CA ALA C 10 21.07 0.54 21.97
C ALA C 10 20.74 -0.75 22.68
N LEU C 11 19.44 -1.07 22.74
CA LEU C 11 18.96 -2.33 23.27
C LEU C 11 18.44 -3.18 22.12
N ILE C 12 18.95 -4.41 22.01
CA ILE C 12 18.55 -5.36 20.99
C ILE C 12 17.76 -6.45 21.69
N VAL C 13 16.45 -6.49 21.49
CA VAL C 13 15.61 -7.54 22.05
C VAL C 13 15.65 -8.75 21.12
N ASN C 14 15.71 -9.95 21.71
CA ASN C 14 15.91 -11.18 20.96
C ASN C 14 17.20 -11.12 20.15
N ALA C 15 18.28 -10.70 20.81
CA ALA C 15 19.58 -10.64 20.16
C ALA C 15 20.19 -12.03 19.95
N ASP C 16 19.59 -13.08 20.51
CA ASP C 16 20.19 -14.41 20.51
C ASP C 16 19.83 -15.21 19.26
N ASP C 17 20.03 -14.61 18.09
CA ASP C 17 19.97 -15.36 16.84
C ASP C 17 20.86 -14.65 15.82
N ALA C 18 20.98 -15.26 14.64
CA ALA C 18 21.96 -14.77 13.67
C ALA C 18 21.65 -13.33 13.27
N VAL C 19 20.38 -12.98 13.15
CA VAL C 19 20.01 -11.60 12.84
C VAL C 19 20.38 -10.68 14.00
N GLY C 20 20.12 -11.10 15.24
CA GLY C 20 20.52 -10.29 16.38
C GLY C 20 22.03 -10.10 16.44
N GLU C 21 22.78 -11.17 16.17
CA GLU C 21 24.23 -11.06 16.11
C GLU C 21 24.66 -10.01 15.09
N ALA C 22 24.13 -10.09 13.87
CA ALA C 22 24.54 -9.17 12.83
C ALA C 22 24.19 -7.73 13.18
N VAL C 23 22.99 -7.51 13.74
CA VAL C 23 22.63 -6.17 14.19
C VAL C 23 23.62 -5.68 15.24
N ALA C 24 23.93 -6.52 16.22
CA ALA C 24 24.87 -6.11 17.26
C ALA C 24 26.22 -5.72 16.66
N LEU C 25 26.67 -6.47 15.65
CA LEU C 25 27.97 -6.19 15.05
C LEU C 25 27.95 -4.86 14.28
N ARG C 26 26.86 -4.59 13.54
CA ARG C 26 26.76 -3.35 12.79
CA ARG C 26 26.78 -3.35 12.78
C ARG C 26 26.77 -2.14 13.70
N LEU C 27 26.00 -2.20 14.79
CA LEU C 27 25.95 -1.06 15.70
C LEU C 27 27.26 -0.89 16.46
N ALA C 28 27.83 -1.99 16.97
CA ALA C 28 29.14 -1.91 17.60
C ALA C 28 30.16 -1.26 16.67
N GLY C 29 30.09 -1.59 15.39
CA GLY C 29 31.00 -0.98 14.42
C GLY C 29 30.88 0.53 14.36
N SER C 30 29.71 1.06 14.71
CA SER C 30 29.47 2.50 14.71
C SER C 30 29.65 3.12 16.09
N GLY C 31 30.27 2.40 17.02
CA GLY C 31 30.57 2.96 18.32
C GLY C 31 29.43 2.92 19.31
N VAL C 32 28.37 2.21 19.02
CA VAL C 32 27.19 2.18 19.88
C VAL C 32 27.46 1.25 21.07
N GLN C 33 27.10 1.73 22.26
CA GLN C 33 27.10 0.89 23.45
C GLN C 33 25.88 -0.01 23.43
N LEU C 34 26.08 -1.28 23.73
CA LEU C 34 25.08 -2.31 23.43
C LEU C 34 24.51 -2.92 24.70
N ALA C 35 23.22 -3.26 24.65
CA ALA C 35 22.56 -4.11 25.63
C ALA C 35 21.80 -5.19 24.87
N LEU C 36 22.06 -6.44 25.20
CA LEU C 36 21.49 -7.57 24.49
C LEU C 36 20.51 -8.32 25.38
N ALA C 37 19.24 -8.34 24.98
CA ALA C 37 18.21 -9.13 25.64
C ALA C 37 17.87 -10.33 24.78
N GLY C 38 17.52 -11.44 25.43
CA GLY C 38 17.23 -12.67 24.73
C GLY C 38 16.89 -13.76 25.70
N ALA C 39 16.42 -14.88 25.16
CA ALA C 39 15.95 -15.99 25.98
C ALA C 39 17.06 -16.96 26.34
N ASP C 40 18.05 -17.14 25.48
CA ASP C 40 19.10 -18.13 25.65
C ASP C 40 20.32 -17.42 26.24
N ALA C 41 20.42 -17.45 27.57
CA ALA C 41 21.54 -16.78 28.24
C ALA C 41 22.87 -17.30 27.73
N GLY C 42 22.99 -18.62 27.57
CA GLY C 42 24.17 -19.19 26.96
C GLY C 42 24.53 -18.49 25.66
N ARG C 43 23.57 -18.41 24.74
CA ARG C 43 23.82 -17.73 23.47
C ARG C 43 24.14 -16.27 23.69
N LEU C 44 23.45 -15.61 24.62
CA LEU C 44 23.71 -14.20 24.87
C LEU C 44 25.14 -13.98 25.36
N ASP C 45 25.57 -14.78 26.34
CA ASP C 45 26.90 -14.59 26.90
C ASP C 45 27.98 -14.79 25.85
N LYS C 46 27.87 -15.86 25.06
CA LYS C 46 28.82 -16.09 23.98
C LYS C 46 28.86 -14.90 23.03
N LEU C 47 27.68 -14.36 22.67
CA LEU C 47 27.64 -13.22 21.78
C LEU C 47 28.29 -12.00 22.40
N ALA C 48 27.92 -11.70 23.65
CA ALA C 48 28.56 -10.60 24.37
C ALA C 48 30.06 -10.84 24.48
N SER C 49 30.47 -12.07 24.77
CA SER C 49 31.88 -12.39 24.86
C SER C 49 32.60 -12.03 23.56
N GLN C 50 32.05 -12.50 22.43
CA GLN C 50 32.65 -12.16 21.14
C GLN C 50 32.65 -10.66 20.91
N LEU C 51 31.56 -9.98 21.23
CA LEU C 51 31.51 -8.53 20.99
C LEU C 51 32.50 -7.80 21.87
N ALA C 52 32.55 -8.13 23.17
CA ALA C 52 33.57 -7.56 24.03
C ALA C 52 34.96 -7.85 23.49
N GLY C 53 35.20 -9.09 23.06
CA GLY C 53 36.49 -9.45 22.50
C GLY C 53 36.90 -8.56 21.35
N LYS C 54 35.93 -8.10 20.56
CA LYS C 54 36.23 -7.20 19.45
C LYS C 54 36.36 -5.75 19.88
N GLY C 55 36.04 -5.42 21.13
CA GLY C 55 36.21 -4.09 21.63
C GLY C 55 34.93 -3.32 21.90
N ALA C 56 33.78 -3.98 21.84
CA ALA C 56 32.50 -3.31 22.02
C ALA C 56 32.14 -3.19 23.49
N THR C 57 31.49 -2.08 23.84
CA THR C 57 30.84 -1.92 25.13
C THR C 57 29.50 -2.63 25.06
N VAL C 58 29.30 -3.63 25.93
CA VAL C 58 28.13 -4.49 25.83
C VAL C 58 27.74 -5.01 27.20
N MET C 59 26.44 -5.19 27.41
CA MET C 59 25.90 -5.96 28.52
C MET C 59 24.87 -6.93 27.97
N ALA C 60 24.63 -8.01 28.71
CA ALA C 60 23.65 -9.01 28.36
C ALA C 60 22.55 -9.08 29.41
N VAL C 61 21.36 -9.49 29.00
CA VAL C 61 20.23 -9.69 29.90
C VAL C 61 19.36 -10.83 29.40
N ALA C 62 19.42 -11.97 30.09
CA ALA C 62 18.60 -13.11 29.69
C ALA C 62 17.13 -12.90 30.09
N THR C 63 16.23 -13.27 29.18
CA THR C 63 14.80 -13.15 29.42
C THR C 63 13.99 -13.74 28.28
N ALA C 64 13.12 -14.70 28.60
CA ALA C 64 12.16 -15.27 27.64
C ALA C 64 10.75 -14.78 27.96
N ALA C 65 10.63 -13.50 28.32
CA ALA C 65 9.40 -12.96 28.87
C ALA C 65 8.50 -12.37 27.79
N VAL C 66 7.20 -12.44 28.06
CA VAL C 66 6.20 -11.71 27.29
C VAL C 66 5.31 -10.85 28.18
N GLU C 67 5.47 -10.91 29.49
CA GLU C 67 4.71 -10.12 30.44
C GLU C 67 5.35 -8.77 30.66
N ALA C 68 4.51 -7.74 30.77
CA ALA C 68 5.01 -6.36 30.74
C ALA C 68 5.96 -6.08 31.90
N GLY C 69 5.59 -6.47 33.11
CA GLY C 69 6.42 -6.16 34.26
C GLY C 69 7.84 -6.69 34.12
N ALA C 70 7.97 -7.93 33.69
CA ALA C 70 9.31 -8.50 33.46
C ALA C 70 10.07 -7.70 32.42
N ILE C 71 9.37 -7.25 31.38
CA ILE C 71 10.00 -6.46 30.33
C ILE C 71 10.47 -5.12 30.87
N ARG C 72 9.60 -4.44 31.63
CA ARG C 72 9.96 -3.16 32.21
C ARG C 72 11.19 -3.28 33.10
N ASP C 73 11.33 -4.41 33.80
CA ASP C 73 12.50 -4.64 34.64
C ASP C 73 13.76 -4.76 33.79
N SER C 74 13.75 -5.70 32.82
CA SER C 74 14.86 -5.85 31.88
C SER C 74 15.29 -4.47 31.40
N VAL C 75 14.32 -3.65 31.01
CA VAL C 75 14.61 -2.29 30.58
C VAL C 75 15.30 -1.52 31.69
N ALA C 76 14.86 -1.70 32.93
CA ALA C 76 15.46 -0.98 34.04
C ALA C 76 16.93 -1.35 34.21
N GLN C 77 17.26 -2.63 34.07
CA GLN C 77 18.66 -3.05 34.16
C GLN C 77 19.53 -2.26 33.20
N VAL C 78 19.12 -2.21 31.93
CA VAL C 78 19.91 -1.51 30.92
C VAL C 78 20.09 -0.04 31.29
N LYS C 79 18.99 0.64 31.63
CA LYS C 79 19.06 2.07 31.93
C LYS C 79 19.86 2.34 33.20
N ALA C 80 19.88 1.39 34.13
CA ALA C 80 20.78 1.51 35.29
C ALA C 80 22.23 1.58 34.84
N ARG C 81 22.60 0.74 33.87
CA ARG C 81 24.00 0.65 33.44
C ARG C 81 24.40 1.84 32.59
N TYR C 82 23.56 2.23 31.64
CA TYR C 82 23.93 3.24 30.65
C TYR C 82 23.29 4.59 30.89
N GLY C 83 22.18 4.66 31.64
CA GLY C 83 21.55 5.91 31.96
C GLY C 83 20.57 6.44 30.92
N ARG C 84 20.32 5.68 29.85
CA ARG C 84 19.43 6.12 28.79
C ARG C 84 19.46 5.05 27.71
N ILE C 85 18.41 5.00 26.91
CA ILE C 85 18.34 4.10 25.75
C ILE C 85 18.04 4.96 24.54
N ASP C 86 19.04 5.14 23.68
CA ASP C 86 18.85 5.91 22.47
C ASP C 86 18.25 5.10 21.33
N VAL C 87 18.41 3.77 21.35
CA VAL C 87 18.03 2.93 20.23
C VAL C 87 17.39 1.65 20.76
N LEU C 88 16.22 1.31 20.24
CA LEU C 88 15.55 0.05 20.57
C LEU C 88 15.35 -0.72 19.28
N VAL C 89 15.94 -1.91 19.19
CA VAL C 89 15.72 -2.81 18.07
C VAL C 89 15.02 -4.05 18.59
N HIS C 90 13.80 -4.28 18.12
CA HIS C 90 13.06 -5.47 18.51
C HIS C 90 13.15 -6.50 17.39
N ASN C 91 14.07 -7.45 17.53
CA ASN C 91 14.10 -8.59 16.63
C ASN C 91 12.95 -9.52 16.96
N GLU C 92 12.30 -10.05 15.93
CA GLU C 92 11.11 -10.87 16.15
C GLU C 92 11.51 -12.20 16.76
N SER C 93 10.62 -12.75 17.58
CA SER C 93 10.77 -14.09 18.12
C SER C 93 10.11 -15.08 17.17
N ALA C 94 10.67 -16.29 17.11
CA ALA C 94 10.15 -17.30 16.21
C ALA C 94 8.68 -17.59 16.50
N LEU C 95 7.89 -17.73 15.44
CA LEU C 95 6.49 -18.13 15.52
C LEU C 95 6.24 -19.22 14.49
N ALA C 96 5.45 -20.20 14.88
CA ALA C 96 5.13 -21.34 14.02
C ALA C 96 3.87 -21.04 13.21
N ALA C 97 4.01 -21.05 11.89
CA ALA C 97 2.86 -20.93 10.99
C ALA C 97 2.27 -22.31 10.73
N LYS C 98 0.95 -22.42 10.82
CA LYS C 98 0.29 -23.70 10.60
C LYS C 98 -1.06 -23.49 9.95
N PRO C 99 -1.56 -24.47 9.19
CA PRO C 99 -2.92 -24.36 8.65
C PRO C 99 -3.92 -24.10 9.76
N LEU C 100 -5.00 -23.41 9.41
CA LEU C 100 -6.04 -23.06 10.38
C LEU C 100 -6.45 -24.22 11.28
N PRO C 101 -6.71 -25.43 10.77
CA PRO C 101 -7.18 -26.50 11.67
C PRO C 101 -6.22 -26.82 12.81
N GLU C 102 -4.92 -26.70 12.57
CA GLU C 102 -3.92 -27.03 13.58
C GLU C 102 -3.73 -25.94 14.61
N ILE C 103 -4.46 -24.83 14.48
CA ILE C 103 -4.31 -23.68 15.38
C ILE C 103 -5.25 -23.86 16.56
N SER C 104 -4.70 -23.88 17.76
CA SER C 104 -5.46 -24.04 18.99
C SER C 104 -5.75 -22.69 19.63
N ASP C 105 -6.55 -22.73 20.70
CA ASP C 105 -6.87 -21.51 21.44
C ASP C 105 -5.62 -20.87 22.03
N ALA C 106 -4.66 -21.68 22.45
CA ALA C 106 -3.44 -21.15 23.03
C ALA C 106 -2.45 -20.71 21.98
N ASP C 107 -2.46 -21.36 20.81
CA ASP C 107 -1.64 -20.89 19.70
C ASP C 107 -1.94 -19.42 19.38
N VAL C 108 -3.21 -19.03 19.41
CA VAL C 108 -3.57 -17.64 19.13
C VAL C 108 -2.98 -16.73 20.19
N GLY C 109 -3.26 -17.01 21.46
CA GLY C 109 -2.79 -16.15 22.53
C GLY C 109 -1.28 -16.01 22.57
N ALA C 110 -0.57 -17.13 22.35
CA ALA C 110 0.89 -17.09 22.41
C ALA C 110 1.47 -16.25 21.29
N ALA C 111 1.00 -16.47 20.06
CA ALA C 111 1.47 -15.66 18.93
C ALA C 111 1.31 -14.18 19.22
N LEU C 112 0.14 -13.78 19.72
CA LEU C 112 -0.10 -12.38 20.03
C LEU C 112 0.83 -11.91 21.16
N ASP C 113 1.06 -12.76 22.15
CA ASP C 113 1.84 -12.35 23.31
C ASP C 113 3.28 -12.03 22.93
N THR C 114 3.94 -12.95 22.24
CA THR C 114 5.34 -12.74 21.89
C THR C 114 5.50 -11.88 20.65
N GLY C 115 4.57 -11.97 19.69
CA GLY C 115 4.74 -11.27 18.42
C GLY C 115 4.31 -9.83 18.44
N LEU C 116 3.38 -9.47 19.32
CA LEU C 116 2.76 -8.15 19.29
C LEU C 116 2.73 -7.51 20.67
N ALA C 117 2.23 -8.24 21.67
CA ALA C 117 2.15 -7.68 23.02
C ALA C 117 3.53 -7.39 23.58
N ALA C 118 4.44 -8.36 23.49
CA ALA C 118 5.78 -8.17 24.04
C ALA C 118 6.47 -6.95 23.44
N PRO C 119 6.58 -6.81 22.11
CA PRO C 119 7.20 -5.59 21.57
C PRO C 119 6.46 -4.33 22.00
N PHE C 120 5.13 -4.36 22.02
CA PHE C 120 4.36 -3.23 22.56
C PHE C 120 4.85 -2.85 23.95
N HIS C 121 5.00 -3.84 24.82
CA HIS C 121 5.45 -3.55 26.19
C HIS C 121 6.84 -2.93 26.20
N TYR C 122 7.74 -3.42 25.34
CA TYR C 122 9.06 -2.81 25.24
C TYR C 122 8.94 -1.36 24.81
N LEU C 123 8.08 -1.08 23.83
CA LEU C 123 7.90 0.29 23.37
C LEU C 123 7.35 1.19 24.48
N ARG C 124 6.40 0.68 25.26
CA ARG C 124 5.86 1.47 26.37
C ARG C 124 6.91 1.76 27.41
N ALA C 125 7.84 0.84 27.64
CA ALA C 125 8.87 1.02 28.66
C ALA C 125 10.00 1.94 28.21
N VAL C 126 10.18 2.13 26.91
CA VAL C 126 11.32 2.84 26.37
C VAL C 126 10.93 4.15 25.70
N VAL C 127 9.82 4.16 24.96
CA VAL C 127 9.43 5.35 24.20
C VAL C 127 9.33 6.58 25.10
N PRO C 128 8.65 6.53 26.25
CA PRO C 128 8.57 7.75 27.09
C PRO C 128 9.93 8.34 27.42
N GLY C 129 10.89 7.50 27.82
CA GLY C 129 12.23 8.01 28.07
C GLY C 129 12.83 8.74 26.87
N MET C 130 12.68 8.17 25.68
CA MET C 130 13.28 8.78 24.49
C MET C 130 12.70 10.16 24.23
N ARG C 131 11.37 10.30 24.37
CA ARG C 131 10.74 11.61 24.16
C ARG C 131 11.25 12.62 25.17
N GLU C 132 11.51 12.19 26.40
CA GLU C 132 12.03 13.11 27.42
C GLU C 132 13.41 13.62 27.04
N ALA C 133 14.29 12.70 26.60
CA ALA C 133 15.64 13.07 26.20
C ALA C 133 15.67 13.75 24.83
N GLY C 134 14.59 13.69 24.07
CA GLY C 134 14.55 14.34 22.79
C GLY C 134 15.19 13.58 21.65
N PHE C 135 15.59 12.34 21.87
CA PHE C 135 16.17 11.51 20.81
C PHE C 135 15.76 10.07 21.02
N GLY C 136 15.39 9.42 19.92
CA GLY C 136 15.05 8.01 19.94
C GLY C 136 15.01 7.40 18.55
N ARG C 137 15.45 6.15 18.44
CA ARG C 137 15.38 5.40 17.18
C ARG C 137 14.85 4.01 17.52
N VAL C 138 13.61 3.73 17.11
CA VAL C 138 13.00 2.43 17.31
C VAL C 138 12.91 1.74 15.96
N VAL C 139 13.42 0.51 15.90
CA VAL C 139 13.38 -0.28 14.68
C VAL C 139 12.74 -1.61 15.03
N ASN C 140 11.56 -1.86 14.47
CA ASN C 140 10.90 -3.14 14.62
C ASN C 140 11.29 -4.04 13.45
N ILE C 141 11.67 -5.27 13.74
CA ILE C 141 12.02 -6.26 12.71
C ILE C 141 10.87 -7.24 12.60
N SER C 142 10.20 -7.23 11.44
CA SER C 142 9.10 -8.15 11.18
C SER C 142 9.47 -9.02 9.99
N ASP C 143 8.47 -9.62 9.35
CA ASP C 143 8.73 -10.48 8.19
C ASP C 143 7.51 -10.48 7.29
N LEU C 144 7.66 -11.14 6.15
CA LEU C 144 6.66 -11.03 5.09
C LEU C 144 5.31 -11.62 5.47
N ARG C 145 5.25 -12.47 6.50
CA ARG C 145 3.98 -13.07 6.90
CA ARG C 145 3.98 -13.06 6.88
C ARG C 145 3.01 -12.06 7.49
N TYR C 146 3.49 -10.86 7.85
CA TYR C 146 2.56 -9.82 8.31
C TYR C 146 1.57 -9.46 7.21
N LEU C 147 1.93 -9.68 5.94
CA LEU C 147 1.03 -9.41 4.83
C LEU C 147 -0.02 -10.48 4.65
N GLY C 148 0.17 -11.65 5.25
CA GLY C 148 -0.84 -12.69 5.20
C GLY C 148 -0.61 -13.67 4.06
N LEU C 149 -0.28 -14.90 4.41
CA LEU C 149 -0.11 -15.97 3.43
C LEU C 149 -0.88 -17.19 3.91
N ALA C 150 -1.16 -18.10 2.99
CA ALA C 150 -1.85 -19.33 3.35
C ALA C 150 -1.06 -20.06 4.44
N ASN C 151 -1.78 -20.57 5.43
CA ASN C 151 -1.19 -21.36 6.51
C ASN C 151 -0.22 -20.53 7.34
N THR C 152 -0.59 -19.27 7.59
CA THR C 152 0.19 -18.42 8.48
C THR C 152 -0.70 -17.54 9.35
N SER C 153 -2.01 -17.80 9.41
CA SER C 153 -2.95 -16.84 9.99
C SER C 153 -2.54 -16.41 11.39
N SER C 154 -2.11 -17.37 12.23
CA SER C 154 -1.74 -17.04 13.60
C SER C 154 -0.47 -16.19 13.64
N VAL C 155 0.47 -16.43 12.73
CA VAL C 155 1.64 -15.56 12.66
C VAL C 155 1.26 -14.19 12.09
N ALA C 156 0.47 -14.18 11.02
CA ALA C 156 0.14 -12.93 10.34
C ALA C 156 -0.60 -11.97 11.25
N ALA C 157 -1.57 -12.49 12.01
CA ALA C 157 -2.32 -11.63 12.92
C ALA C 157 -1.41 -10.90 13.88
N ALA C 158 -0.41 -11.61 14.41
CA ALA C 158 0.49 -10.99 15.39
C ALA C 158 1.42 -9.99 14.71
N ARG C 159 2.12 -10.41 13.66
CA ARG C 159 3.05 -9.51 12.99
C ARG C 159 2.32 -8.30 12.41
N SER C 160 1.16 -8.54 11.80
CA SER C 160 0.42 -7.46 11.16
C SER C 160 0.05 -6.36 12.15
N GLY C 161 -0.06 -6.70 13.44
CA GLY C 161 -0.40 -5.70 14.43
C GLY C 161 0.69 -4.64 14.59
N LEU C 162 1.93 -5.01 14.32
CA LEU C 162 3.04 -4.08 14.44
C LEU C 162 2.98 -2.97 13.41
N PHE C 163 2.32 -3.19 12.28
CA PHE C 163 2.22 -2.16 11.24
C PHE C 163 1.51 -0.91 11.77
N GLY C 164 0.27 -1.07 12.21
CA GLY C 164 -0.44 0.05 12.80
C GLY C 164 0.18 0.53 14.09
N LEU C 165 0.71 -0.39 14.89
CA LEU C 165 1.32 -0.02 16.16
C LEU C 165 2.51 0.91 15.95
N THR C 166 3.44 0.51 15.09
CA THR C 166 4.62 1.33 14.85
C THR C 166 4.24 2.70 14.32
N ARG C 167 3.31 2.75 13.35
CA ARG C 167 2.94 4.02 12.75
C ARG C 167 2.21 4.91 13.76
N ALA C 168 1.40 4.30 14.62
CA ALA C 168 0.71 5.08 15.65
C ALA C 168 1.70 5.82 16.53
N LEU C 169 2.70 5.12 17.06
CA LEU C 169 3.67 5.75 17.96
C LEU C 169 4.64 6.65 17.20
N ALA C 170 4.93 6.35 15.94
CA ALA C 170 5.72 7.27 15.13
C ALA C 170 5.09 8.65 15.12
N LEU C 171 3.78 8.73 14.85
CA LEU C 171 3.11 10.01 14.81
C LEU C 171 3.05 10.62 16.21
N GLU C 172 2.84 9.78 17.22
CA GLU C 172 2.71 10.29 18.58
C GLU C 172 4.01 10.87 19.11
N SER C 173 5.15 10.36 18.64
CA SER C 173 6.44 10.74 19.18
C SER C 173 7.22 11.68 18.26
N ALA C 174 6.69 11.98 17.09
CA ALA C 174 7.48 12.69 16.08
C ALA C 174 8.07 13.99 16.62
N ARG C 175 7.29 14.74 17.40
CA ARG C 175 7.70 16.08 17.80
C ARG C 175 8.90 16.06 18.75
N ASP C 176 9.18 14.93 19.39
CA ASP C 176 10.25 14.86 20.38
C ASP C 176 11.46 14.08 19.87
N GLY C 177 11.75 14.19 18.58
CA GLY C 177 12.98 13.65 18.05
C GLY C 177 13.08 12.15 18.01
N VAL C 178 11.97 11.43 18.08
CA VAL C 178 11.96 9.98 18.06
C VAL C 178 11.40 9.50 16.73
N THR C 179 11.98 8.43 16.21
CA THR C 179 11.50 7.78 15.00
C THR C 179 11.19 6.32 15.30
N VAL C 180 10.14 5.80 14.66
CA VAL C 180 9.73 4.41 14.80
C VAL C 180 9.53 3.84 13.40
N ASN C 181 10.35 2.85 13.05
CA ASN C 181 10.36 2.27 11.71
C ASN C 181 10.37 0.76 11.82
N THR C 182 10.10 0.10 10.70
CA THR C 182 10.02 -1.35 10.64
C THR C 182 10.87 -1.85 9.48
N VAL C 183 11.75 -2.80 9.77
CA VAL C 183 12.46 -3.56 8.74
C VAL C 183 11.74 -4.89 8.60
N VAL C 184 11.25 -5.17 7.40
CA VAL C 184 10.51 -6.41 7.13
C VAL C 184 11.46 -7.35 6.41
N MET C 185 11.80 -8.46 7.05
CA MET C 185 12.72 -9.43 6.48
C MET C 185 12.02 -10.27 5.42
N GLY C 186 12.70 -10.49 4.31
CA GLY C 186 12.24 -11.48 3.35
C GLY C 186 12.70 -12.87 3.74
N ASP C 187 13.24 -13.63 2.79
CA ASP C 187 13.77 -14.96 3.07
C ASP C 187 15.25 -14.83 3.41
N VAL C 188 15.62 -15.25 4.62
CA VAL C 188 17.00 -15.16 5.11
C VAL C 188 17.56 -16.57 5.21
N ASP C 189 18.74 -16.76 4.65
CA ASP C 189 19.46 -18.02 4.82
C ASP C 189 19.78 -18.25 6.28
N SER C 190 19.84 -19.52 6.68
CA SER C 190 20.02 -19.87 8.09
C SER C 190 20.95 -21.04 8.34
N GLU C 191 21.42 -21.75 7.30
CA GLU C 191 22.34 -22.88 7.39
C GLU C 191 21.74 -24.05 8.15
N THR C 192 20.42 -24.07 8.31
CA THR C 192 19.68 -25.27 8.68
C THR C 192 18.58 -25.65 7.70
N THR C 193 18.26 -24.78 6.75
CA THR C 193 17.36 -25.10 5.66
C THR C 193 18.00 -26.13 4.74
N PRO C 194 17.23 -27.03 4.14
CA PRO C 194 17.85 -27.94 3.16
C PRO C 194 18.33 -27.19 1.92
N ALA C 195 19.47 -27.65 1.39
CA ALA C 195 20.01 -27.04 0.18
C ALA C 195 18.98 -26.99 -0.94
N ALA C 196 18.08 -27.96 -0.98
CA ALA C 196 17.04 -27.95 -2.01
C ALA C 196 16.04 -26.83 -1.80
N GLU C 197 15.86 -26.39 -0.55
CA GLU C 197 14.98 -25.27 -0.24
C GLU C 197 15.69 -23.93 -0.39
N ARG C 198 17.02 -23.92 -0.46
CA ARG C 198 17.74 -22.71 -0.80
C ARG C 198 17.62 -22.39 -2.28
N GLU C 199 17.86 -23.36 -3.14
CA GLU C 199 17.66 -23.13 -4.56
C GLU C 199 16.19 -22.89 -4.87
N LYS C 200 15.28 -23.55 -4.14
CA LYS C 200 13.87 -23.33 -4.41
C LYS C 200 13.45 -21.90 -4.03
N LEU C 201 13.85 -21.46 -2.84
CA LEU C 201 13.48 -20.12 -2.39
C LEU C 201 14.17 -19.06 -3.24
N ALA C 202 15.46 -19.25 -3.52
CA ALA C 202 16.21 -18.24 -4.26
C ALA C 202 15.63 -18.01 -5.64
N GLY C 203 15.11 -19.07 -6.28
CA GLY C 203 14.53 -18.91 -7.59
C GLY C 203 13.36 -17.95 -7.60
N GLY C 204 12.61 -17.89 -6.51
CA GLY C 204 11.47 -17.01 -6.38
C GLY C 204 11.77 -15.62 -5.91
N ILE C 205 13.04 -15.24 -5.82
CA ILE C 205 13.45 -13.92 -5.34
C ILE C 205 14.09 -13.19 -6.51
N PRO C 206 13.65 -11.96 -6.84
CA PRO C 206 14.19 -11.28 -8.02
C PRO C 206 15.72 -11.21 -8.08
N VAL C 207 16.40 -10.95 -6.97
CA VAL C 207 17.86 -10.93 -7.01
C VAL C 207 18.43 -12.35 -6.99
N LYS C 208 17.59 -13.37 -6.94
CA LYS C 208 17.98 -14.76 -7.17
C LYS C 208 18.96 -15.26 -6.12
N ARG C 209 18.84 -14.76 -4.90
CA ARG C 209 19.63 -15.26 -3.77
CA ARG C 209 19.62 -15.26 -3.78
C ARG C 209 18.83 -15.03 -2.50
N LEU C 210 19.10 -15.85 -1.49
CA LEU C 210 18.50 -15.63 -0.19
C LEU C 210 19.17 -14.45 0.49
N GLY C 211 18.44 -13.82 1.40
CA GLY C 211 19.01 -12.74 2.18
C GLY C 211 19.93 -13.23 3.28
N THR C 212 20.84 -12.36 3.71
CA THR C 212 21.74 -12.67 4.80
C THR C 212 21.38 -11.86 6.04
N PRO C 213 21.79 -12.30 7.24
CA PRO C 213 21.60 -11.44 8.42
C PRO C 213 22.23 -10.07 8.26
N ALA C 214 23.38 -10.01 7.59
CA ALA C 214 24.02 -8.71 7.34
C ALA C 214 23.13 -7.78 6.52
N ASP C 215 22.42 -8.32 5.54
CA ASP C 215 21.46 -7.50 4.79
C ASP C 215 20.49 -6.79 5.74
N ILE C 216 19.95 -7.53 6.71
CA ILE C 216 18.98 -6.97 7.63
C ILE C 216 19.63 -5.91 8.51
N ALA C 217 20.82 -6.21 9.05
CA ALA C 217 21.49 -5.26 9.94
C ALA C 217 21.82 -3.97 9.21
N ASN C 218 22.20 -4.06 7.93
CA ASN C 218 22.46 -2.86 7.16
C ASN C 218 21.25 -1.93 7.15
N ALA C 219 20.06 -2.50 6.97
CA ALA C 219 18.86 -1.66 6.98
C ALA C 219 18.56 -1.14 8.38
N VAL C 220 18.71 -1.98 9.40
CA VAL C 220 18.50 -1.52 10.77
C VAL C 220 19.47 -0.40 11.11
N GLY C 221 20.73 -0.55 10.74
CA GLY C 221 21.72 0.47 11.05
C GLY C 221 21.41 1.79 10.39
N PHE C 222 20.88 1.77 9.18
CA PHE C 222 20.50 3.02 8.53
C PHE C 222 19.41 3.73 9.32
N LEU C 223 18.34 3.02 9.66
CA LEU C 223 17.22 3.65 10.36
C LEU C 223 17.63 4.15 11.73
N ALA C 224 18.57 3.46 12.39
CA ALA C 224 19.01 3.85 13.72
C ALA C 224 20.07 4.95 13.69
N ALA C 225 20.57 5.32 12.52
CA ALA C 225 21.62 6.32 12.43
C ALA C 225 21.11 7.68 12.91
N ASP C 226 22.04 8.47 13.46
CA ASP C 226 21.69 9.80 13.93
C ASP C 226 21.08 10.64 12.82
N SER C 227 21.50 10.42 11.58
CA SER C 227 21.08 11.29 10.48
C SER C 227 19.73 10.92 9.90
N SER C 228 19.15 9.80 10.29
CA SER C 228 17.84 9.39 9.79
C SER C 228 16.71 10.03 10.60
N LYS C 229 16.84 11.33 10.84
CA LYS C 229 15.91 12.01 11.74
C LYS C 229 14.59 12.37 11.07
N TYR C 230 14.50 12.27 9.75
CA TYR C 230 13.32 12.62 8.98
C TYR C 230 12.66 11.39 8.36
N VAL C 231 13.08 10.20 8.76
CA VAL C 231 12.52 8.95 8.26
C VAL C 231 11.81 8.29 9.43
N THR C 232 10.49 8.20 9.35
CA THR C 232 9.71 7.61 10.43
C THR C 232 8.43 7.02 9.86
N GLY C 233 7.90 6.01 10.58
CA GLY C 233 6.69 5.35 10.17
C GLY C 233 6.84 4.42 8.99
N GLN C 234 8.06 4.07 8.62
CA GLN C 234 8.32 3.36 7.39
C GLN C 234 8.26 1.85 7.57
N THR C 235 7.81 1.17 6.52
CA THR C 235 7.82 -0.28 6.41
C THR C 235 8.81 -0.62 5.30
N LEU C 236 10.07 -0.81 5.67
CA LEU C 236 11.16 -1.02 4.72
C LEU C 236 11.40 -2.52 4.59
N PHE C 237 11.14 -3.06 3.41
CA PHE C 237 11.36 -4.47 3.15
C PHE C 237 12.80 -4.70 2.72
N VAL C 238 13.42 -5.73 3.31
CA VAL C 238 14.75 -6.18 2.93
C VAL C 238 14.58 -7.60 2.41
N CYS C 239 14.16 -7.72 1.14
CA CYS C 239 13.54 -8.95 0.67
C CYS C 239 14.05 -9.44 -0.68
N GLY C 240 15.04 -8.78 -1.27
CA GLY C 240 15.47 -9.16 -2.60
C GLY C 240 14.47 -8.89 -3.69
N GLY C 241 13.40 -8.14 -3.41
CA GLY C 241 12.37 -7.83 -4.38
C GLY C 241 11.10 -8.64 -4.23
N LYS C 242 11.08 -9.65 -3.35
CA LYS C 242 9.91 -10.50 -3.25
C LYS C 242 8.68 -9.74 -2.78
N SER C 243 8.87 -8.63 -2.05
CA SER C 243 7.71 -7.86 -1.61
C SER C 243 6.99 -7.19 -2.77
N ALA C 244 7.64 -7.07 -3.94
CA ALA C 244 7.00 -6.50 -5.11
C ALA C 244 5.87 -7.37 -5.65
N TYR C 245 5.78 -8.63 -5.22
CA TYR C 245 4.72 -9.53 -5.65
C TYR C 245 3.46 -9.39 -4.79
N PHE C 246 3.51 -8.61 -3.72
CA PHE C 246 2.38 -8.44 -2.82
C PHE C 246 1.66 -7.13 -3.13
N SER C 247 0.33 -7.19 -3.22
CA SER C 247 -0.46 -5.97 -3.09
C SER C 247 -0.30 -5.43 -1.67
N MET C 248 -0.26 -4.11 -1.56
CA MET C 248 -0.31 -3.37 -0.30
C MET C 248 1.03 -3.32 0.43
N SER C 249 2.12 -3.82 -0.14
CA SER C 249 3.43 -3.63 0.47
C SER C 249 3.97 -2.23 0.25
N ILE C 250 3.38 -1.46 -0.66
CA ILE C 250 3.66 -0.03 -0.80
C ILE C 250 2.31 0.66 -0.69
N GLY D 2 29.75 1.16 1.47
CA GLY D 2 30.12 2.45 0.91
C GLY D 2 29.91 2.53 -0.58
N ILE D 3 30.36 3.63 -1.18
CA ILE D 3 30.26 3.80 -2.63
C ILE D 3 31.57 4.35 -3.22
N GLN D 4 32.68 4.17 -2.51
CA GLN D 4 33.96 4.65 -3.02
C GLN D 4 34.21 4.18 -4.45
N ASN D 5 34.54 5.13 -5.32
CA ASN D 5 34.90 4.87 -6.72
C ASN D 5 33.78 4.23 -7.53
N ARG D 6 32.54 4.31 -7.06
CA ARG D 6 31.40 4.01 -7.93
C ARG D 6 31.11 5.25 -8.78
N VAL D 7 30.53 5.03 -9.96
CA VAL D 7 30.18 6.12 -10.86
C VAL D 7 28.68 6.36 -10.74
N ALA D 8 28.29 7.59 -10.44
CA ALA D 8 26.91 7.96 -10.18
C ALA D 8 26.49 9.05 -11.17
N LEU D 9 25.44 8.78 -11.93
CA LEU D 9 24.82 9.78 -12.80
C LEU D 9 23.57 10.27 -12.09
N ILE D 10 23.54 11.56 -11.76
CA ILE D 10 22.41 12.16 -11.09
C ILE D 10 21.77 13.15 -12.05
N THR D 11 20.57 12.82 -12.54
CA THR D 11 19.84 13.73 -13.41
C THR D 11 19.36 14.95 -12.63
N GLY D 12 19.33 16.09 -13.32
CA GLY D 12 18.86 17.34 -12.72
C GLY D 12 19.62 17.75 -11.48
N SER D 13 20.94 17.57 -11.47
CA SER D 13 21.75 17.81 -10.30
C SER D 13 22.56 19.11 -10.39
N ALA D 14 22.17 20.03 -11.26
CA ALA D 14 22.86 21.31 -11.34
C ALA D 14 22.34 22.31 -10.31
N SER D 15 21.21 22.04 -9.67
CA SER D 15 20.70 22.89 -8.60
C SER D 15 19.74 22.08 -7.75
N GLY D 16 19.43 22.62 -6.57
CA GLY D 16 18.42 22.00 -5.72
C GLY D 16 18.90 20.73 -5.04
N MET D 17 17.95 19.86 -4.72
CA MET D 17 18.26 18.64 -3.99
C MET D 17 19.19 17.74 -4.80
N GLY D 18 18.95 17.65 -6.11
CA GLY D 18 19.84 16.87 -6.96
C GLY D 18 21.28 17.32 -6.84
N LYS D 19 21.49 18.64 -6.89
CA LYS D 19 22.83 19.17 -6.74
C LYS D 19 23.46 18.70 -5.43
N GLN D 20 22.71 18.79 -4.34
CA GLN D 20 23.24 18.45 -3.03
C GLN D 20 23.47 16.95 -2.87
N THR D 21 22.68 16.11 -3.54
CA THR D 21 22.96 14.68 -3.53
C THR D 21 24.27 14.38 -4.23
N ALA D 22 24.54 15.06 -5.34
CA ALA D 22 25.80 14.86 -6.05
C ALA D 22 26.99 15.21 -5.17
N LEU D 23 26.92 16.35 -4.49
CA LEU D 23 28.01 16.76 -3.61
C LEU D 23 28.28 15.70 -2.55
N ARG D 24 27.24 15.25 -1.86
CA ARG D 24 27.42 14.25 -0.80
C ARG D 24 27.93 12.93 -1.37
N PHE D 25 27.46 12.55 -2.57
CA PHE D 25 27.97 11.36 -3.24
C PHE D 25 29.45 11.49 -3.51
N ALA D 26 29.86 12.61 -4.13
CA ALA D 26 31.27 12.84 -4.41
C ALA D 26 32.10 12.81 -3.13
N GLU D 27 31.56 13.38 -2.04
CA GLU D 27 32.30 13.40 -0.79
C GLU D 27 32.52 11.99 -0.23
N GLN D 28 31.64 11.05 -0.58
CA GLN D 28 31.79 9.67 -0.15
C GLN D 28 32.58 8.83 -1.15
N GLY D 29 33.29 9.47 -2.07
CA GLY D 29 34.22 8.78 -2.94
C GLY D 29 33.73 8.45 -4.33
N ALA D 30 32.57 8.96 -4.74
CA ALA D 30 31.98 8.60 -6.01
C ALA D 30 32.35 9.59 -7.09
N ALA D 31 32.47 9.07 -8.32
CA ALA D 31 32.49 9.91 -9.50
C ALA D 31 31.07 10.25 -9.89
N VAL D 32 30.79 11.54 -10.06
CA VAL D 32 29.42 12.02 -10.27
C VAL D 32 29.33 12.68 -11.63
N VAL D 33 28.23 12.43 -12.33
CA VAL D 33 27.90 13.13 -13.56
C VAL D 33 26.82 14.15 -13.23
N ILE D 34 27.17 15.43 -13.37
CA ILE D 34 26.20 16.51 -13.21
C ILE D 34 25.44 16.67 -14.52
N ASN D 35 24.13 16.46 -14.49
CA ASN D 35 23.29 16.71 -15.66
C ASN D 35 22.24 17.76 -15.35
N ASP D 36 21.91 18.57 -16.36
CA ASP D 36 20.79 19.49 -16.28
C ASP D 36 20.51 20.00 -17.69
N ILE D 37 19.34 20.61 -17.86
CA ILE D 37 19.08 21.33 -19.09
C ILE D 37 19.68 22.73 -19.05
N ASP D 38 19.92 23.27 -17.86
CA ASP D 38 20.53 24.59 -17.70
C ASP D 38 22.06 24.44 -17.78
N ALA D 39 22.61 24.75 -18.96
CA ALA D 39 24.03 24.52 -19.20
C ALA D 39 24.90 25.42 -18.33
N GLU D 40 24.42 26.61 -17.95
CA GLU D 40 25.23 27.51 -17.13
C GLU D 40 25.31 27.01 -15.71
N LYS D 41 24.22 26.45 -15.19
CA LYS D 41 24.27 25.85 -13.85
C LYS D 41 25.10 24.58 -13.82
N VAL D 42 25.13 23.81 -14.92
CA VAL D 42 26.04 22.68 -15.01
C VAL D 42 27.48 23.16 -14.89
N ARG D 43 27.83 24.19 -15.66
CA ARG D 43 29.20 24.68 -15.66
C ARG D 43 29.60 25.22 -14.28
N ALA D 44 28.71 26.02 -13.68
CA ALA D 44 29.03 26.57 -12.37
C ALA D 44 29.18 25.48 -11.32
N THR D 45 28.31 24.47 -11.36
CA THR D 45 28.36 23.40 -10.37
C THR D 45 29.55 22.48 -10.63
N VAL D 46 29.78 22.13 -11.90
CA VAL D 46 30.99 21.38 -12.24
C VAL D 46 32.21 22.15 -11.77
N ASP D 47 32.25 23.45 -12.05
CA ASP D 47 33.34 24.29 -11.54
C ASP D 47 33.45 24.17 -10.02
N GLU D 48 32.33 24.33 -9.33
CA GLU D 48 32.35 24.24 -7.87
C GLU D 48 32.93 22.90 -7.41
N PHE D 49 32.49 21.80 -8.03
CA PHE D 49 32.82 20.48 -7.50
C PHE D 49 34.28 20.15 -7.69
N SER D 50 34.77 20.28 -8.93
CA SER D 50 36.19 19.99 -9.16
C SER D 50 37.08 20.85 -8.27
N ALA D 51 36.71 22.11 -8.08
CA ALA D 51 37.45 22.97 -7.17
C ALA D 51 37.57 22.32 -5.79
N ARG D 52 36.53 21.62 -5.36
CA ARG D 52 36.55 20.89 -4.10
C ARG D 52 37.36 19.61 -4.20
N GLY D 53 37.94 19.31 -5.35
CA GLY D 53 38.74 18.11 -5.54
C GLY D 53 37.97 16.88 -5.98
N HIS D 54 36.73 17.04 -6.42
CA HIS D 54 35.88 15.92 -6.74
C HIS D 54 36.03 15.52 -8.21
N ARG D 55 35.87 14.22 -8.48
CA ARG D 55 35.86 13.70 -9.84
C ARG D 55 34.47 13.89 -10.39
N VAL D 56 34.31 14.81 -11.34
CA VAL D 56 32.99 15.25 -11.77
C VAL D 56 33.00 15.50 -13.28
N LEU D 57 31.87 15.21 -13.92
CA LEU D 57 31.67 15.44 -15.34
C LEU D 57 30.31 16.10 -15.53
N GLY D 58 30.29 17.15 -16.35
CA GLY D 58 29.05 17.80 -16.74
C GLY D 58 28.50 17.18 -18.01
N ALA D 59 27.19 16.94 -18.00
CA ALA D 59 26.50 16.33 -19.14
C ALA D 59 25.15 17.03 -19.31
N VAL D 60 25.13 18.07 -20.14
CA VAL D 60 23.90 18.78 -20.43
C VAL D 60 23.03 17.93 -21.33
N ALA D 61 21.79 17.69 -20.92
CA ALA D 61 20.89 16.90 -21.75
C ALA D 61 19.46 17.00 -21.24
N ASP D 62 18.52 17.11 -22.17
CA ASP D 62 17.10 16.98 -21.87
C ASP D 62 16.75 15.51 -21.65
N ILE D 63 16.48 15.17 -20.38
CA ILE D 63 16.17 13.79 -20.01
C ILE D 63 14.91 13.28 -20.69
N GLY D 64 14.07 14.17 -21.19
CA GLY D 64 12.90 13.75 -21.92
C GLY D 64 13.15 13.39 -23.36
N ASN D 65 14.36 13.56 -23.84
CA ASN D 65 14.72 13.29 -25.23
C ASN D 65 15.65 12.08 -25.28
N LYS D 66 15.25 11.06 -26.03
CA LYS D 66 16.01 9.82 -26.04
C LYS D 66 17.42 10.01 -26.58
N ALA D 67 17.55 10.75 -27.69
CA ALA D 67 18.87 10.97 -28.27
C ALA D 67 19.78 11.72 -27.30
N ALA D 68 19.23 12.74 -26.62
CA ALA D 68 20.03 13.46 -25.64
C ALA D 68 20.45 12.55 -24.48
N VAL D 69 19.57 11.62 -24.08
CA VAL D 69 19.92 10.69 -23.01
C VAL D 69 21.03 9.75 -23.47
N ASP D 70 20.92 9.23 -24.69
CA ASP D 70 21.95 8.31 -25.18
C ASP D 70 23.30 9.00 -25.28
N GLY D 71 23.31 10.27 -25.71
CA GLY D 71 24.55 11.01 -25.75
C GLY D 71 25.12 11.28 -24.37
N MET D 72 24.23 11.51 -23.40
CA MET D 72 24.68 11.66 -22.02
C MET D 72 25.36 10.39 -21.53
N VAL D 73 24.73 9.23 -21.75
CA VAL D 73 25.30 7.99 -21.26
C VAL D 73 26.61 7.67 -21.98
N LYS D 74 26.67 7.96 -23.28
CA LYS D 74 27.91 7.71 -24.01
C LYS D 74 29.03 8.58 -23.47
N GLN D 75 28.74 9.86 -23.23
CA GLN D 75 29.75 10.75 -22.65
C GLN D 75 30.20 10.24 -21.28
N THR D 76 29.24 9.76 -20.48
CA THR D 76 29.59 9.22 -19.16
C THR D 76 30.49 8.00 -19.29
N ILE D 77 30.16 7.11 -20.24
CA ILE D 77 30.95 5.90 -20.41
C ILE D 77 32.33 6.24 -20.94
N ASP D 78 32.40 7.17 -21.90
CA ASP D 78 33.71 7.63 -22.38
C ASP D 78 34.55 8.16 -21.22
N ALA D 79 33.91 8.89 -20.30
CA ALA D 79 34.65 9.53 -19.22
C ALA D 79 35.04 8.52 -18.13
N PHE D 80 34.07 7.77 -17.62
CA PHE D 80 34.30 6.93 -16.46
C PHE D 80 34.26 5.43 -16.76
N GLY D 81 33.85 5.03 -17.96
CA GLY D 81 33.88 3.64 -18.34
C GLY D 81 32.76 2.79 -17.79
N ARG D 82 31.94 3.32 -16.89
CA ARG D 82 30.88 2.54 -16.29
C ARG D 82 29.90 3.51 -15.64
N ILE D 83 28.71 2.99 -15.32
CA ILE D 83 27.71 3.71 -14.54
C ILE D 83 27.22 2.75 -13.47
N ASP D 84 27.63 2.98 -12.23
CA ASP D 84 27.22 2.11 -11.13
C ASP D 84 25.90 2.55 -10.51
N ILE D 85 25.61 3.84 -10.50
CA ILE D 85 24.47 4.40 -9.79
C ILE D 85 23.78 5.41 -10.70
N LEU D 86 22.45 5.35 -10.75
CA LEU D 86 21.64 6.33 -11.45
C LEU D 86 20.57 6.83 -10.50
N VAL D 87 20.51 8.15 -10.32
CA VAL D 87 19.45 8.78 -9.53
C VAL D 87 18.61 9.62 -10.47
N ASN D 88 17.36 9.21 -10.68
CA ASN D 88 16.44 9.94 -11.56
C ASN D 88 15.76 11.03 -10.74
N ASN D 89 16.52 12.11 -10.53
CA ASN D 89 16.09 13.23 -9.70
C ASN D 89 15.46 14.37 -10.51
N ALA D 90 15.77 14.49 -11.78
CA ALA D 90 15.21 15.55 -12.59
C ALA D 90 13.69 15.46 -12.62
N GLY D 91 13.03 16.57 -12.29
CA GLY D 91 11.59 16.58 -12.27
C GLY D 91 11.05 17.99 -12.32
N MET D 92 9.74 18.08 -12.47
CA MET D 92 9.03 19.35 -12.57
C MET D 92 7.54 19.05 -12.41
N GLU D 93 6.74 20.11 -12.37
CA GLU D 93 5.31 19.97 -12.18
C GLU D 93 4.58 21.12 -12.86
N ARG D 94 3.53 20.78 -13.59
CA ARG D 94 2.50 21.72 -14.00
C ARG D 94 1.25 21.36 -13.21
N ALA D 95 0.72 22.29 -12.44
CA ALA D 95 -0.40 22.00 -11.54
C ALA D 95 -1.56 22.93 -11.82
N GLY D 96 -2.71 22.59 -11.25
CA GLY D 96 -3.93 23.34 -11.44
C GLY D 96 -5.14 22.43 -11.38
N ALA D 97 -6.30 23.05 -11.17
CA ALA D 97 -7.57 22.33 -11.24
C ALA D 97 -7.68 21.58 -12.56
N LEU D 98 -8.39 20.45 -12.52
CA LEU D 98 -8.50 19.56 -13.68
C LEU D 98 -8.90 20.30 -14.95
N ARG D 99 -9.95 21.12 -14.88
CA ARG D 99 -10.46 21.81 -16.07
C ARG D 99 -9.44 22.83 -16.61
N LYS D 100 -8.52 23.30 -15.78
CA LYS D 100 -7.57 24.35 -16.12
C LYS D 100 -6.24 23.82 -16.65
N LEU D 101 -6.09 22.50 -16.74
CA LEU D 101 -4.83 21.89 -17.18
C LEU D 101 -4.81 21.83 -18.70
N SER D 102 -3.83 22.50 -19.30
CA SER D 102 -3.65 22.39 -20.74
C SER D 102 -3.12 21.00 -21.07
N GLU D 103 -3.36 20.58 -22.32
CA GLU D 103 -2.77 19.33 -22.78
C GLU D 103 -1.26 19.35 -22.62
N ALA D 104 -0.65 20.53 -22.72
CA ALA D 104 0.80 20.67 -22.57
C ALA D 104 1.21 20.56 -21.10
N ASP D 105 0.38 21.06 -20.18
CA ASP D 105 0.65 20.87 -18.77
C ASP D 105 0.80 19.38 -18.43
N TRP D 106 -0.01 18.54 -19.06
CA TRP D 106 0.07 17.10 -18.82
C TRP D 106 1.30 16.51 -19.50
N ASP D 107 1.47 16.79 -20.80
CA ASP D 107 2.50 16.12 -21.59
C ASP D 107 3.88 16.34 -21.00
N VAL D 108 4.16 17.54 -20.49
CA VAL D 108 5.52 17.84 -20.06
C VAL D 108 5.81 17.19 -18.70
N THR D 109 4.86 17.28 -17.77
CA THR D 109 5.04 16.64 -16.46
C THR D 109 5.29 15.15 -16.63
N ILE D 110 4.52 14.50 -17.52
CA ILE D 110 4.73 13.08 -17.79
C ILE D 110 6.08 12.86 -18.46
N ASN D 111 6.43 13.71 -19.42
CA ASN D 111 7.63 13.50 -20.22
C ASN D 111 8.88 13.59 -19.35
N VAL D 112 8.96 14.62 -18.51
CA VAL D 112 10.17 14.80 -17.71
C VAL D 112 10.25 13.75 -16.62
N ASN D 113 9.19 13.60 -15.83
CA ASN D 113 9.23 12.75 -14.64
C ASN D 113 9.17 11.27 -15.01
N LEU D 114 8.18 10.89 -15.82
CA LEU D 114 7.92 9.47 -16.07
C LEU D 114 8.74 8.93 -17.24
N LYS D 115 8.56 9.52 -18.43
CA LYS D 115 9.34 9.06 -19.57
C LYS D 115 10.82 9.30 -19.36
N GLY D 116 11.18 10.48 -18.85
CA GLY D 116 12.59 10.75 -18.58
C GLY D 116 13.23 9.69 -17.70
N THR D 117 12.55 9.31 -16.63
CA THR D 117 13.07 8.25 -15.77
C THR D 117 13.16 6.93 -16.54
N PHE D 118 12.20 6.68 -17.44
CA PHE D 118 12.27 5.47 -18.24
C PHE D 118 13.44 5.52 -19.22
N LEU D 119 13.67 6.67 -19.84
CA LEU D 119 14.74 6.76 -20.84
C LEU D 119 16.11 6.56 -20.21
N CYS D 120 16.36 7.23 -19.08
CA CYS D 120 17.67 7.10 -18.44
C CYS D 120 17.89 5.70 -17.91
N THR D 121 16.86 5.12 -17.28
CA THR D 121 16.99 3.76 -16.77
C THR D 121 17.28 2.78 -17.90
N GLN D 122 16.58 2.93 -19.03
CA GLN D 122 16.81 2.04 -20.16
C GLN D 122 18.24 2.19 -20.68
N ALA D 123 18.66 3.44 -20.92
CA ALA D 123 19.95 3.66 -21.57
C ALA D 123 21.11 3.23 -20.68
N VAL D 124 20.94 3.25 -19.37
CA VAL D 124 22.04 2.96 -18.47
C VAL D 124 22.11 1.47 -18.11
N HIS D 125 20.96 0.79 -18.08
CA HIS D 125 20.89 -0.51 -17.40
C HIS D 125 21.77 -1.55 -18.09
N GLY D 126 21.91 -1.48 -19.41
CA GLY D 126 22.74 -2.44 -20.11
C GLY D 126 24.18 -2.42 -19.62
N HIS D 127 24.69 -1.24 -19.27
CA HIS D 127 26.04 -1.16 -18.73
C HIS D 127 26.12 -1.81 -17.36
N MET D 128 25.10 -1.63 -16.52
CA MET D 128 25.10 -2.30 -15.23
C MET D 128 24.98 -3.81 -15.39
N VAL D 129 24.25 -4.27 -16.40
CA VAL D 129 24.14 -5.71 -16.65
C VAL D 129 25.51 -6.32 -16.93
N GLU D 130 26.30 -5.68 -17.79
CA GLU D 130 27.64 -6.20 -18.06
C GLU D 130 28.50 -6.24 -16.81
N ASN D 131 28.39 -5.20 -15.96
CA ASN D 131 29.19 -5.13 -14.73
C ASN D 131 28.58 -5.94 -13.60
N LYS D 132 27.43 -6.56 -13.82
CA LYS D 132 26.72 -7.33 -12.81
C LYS D 132 26.55 -6.52 -11.53
N HIS D 133 26.30 -5.22 -11.70
CA HIS D 133 26.10 -4.36 -10.54
C HIS D 133 25.44 -3.06 -10.97
N GLY D 134 24.38 -2.68 -10.27
CA GLY D 134 23.74 -1.41 -10.53
C GLY D 134 22.86 -1.01 -9.37
N ARG D 135 22.74 0.31 -9.17
CA ARG D 135 21.80 0.89 -8.23
C ARG D 135 21.00 1.94 -8.98
N ILE D 136 19.69 1.72 -9.12
CA ILE D 136 18.79 2.67 -9.75
C ILE D 136 17.86 3.18 -8.66
N VAL D 137 17.87 4.48 -8.43
CA VAL D 137 17.01 5.10 -7.43
C VAL D 137 16.21 6.21 -8.10
N ASN D 138 14.89 6.13 -8.00
CA ASN D 138 13.98 7.10 -8.62
C ASN D 138 13.41 8.01 -7.55
N ILE D 139 13.34 9.30 -7.86
CA ILE D 139 12.76 10.29 -6.97
C ILE D 139 11.29 10.44 -7.34
N ALA D 140 10.40 9.99 -6.47
CA ALA D 140 8.97 10.14 -6.66
C ALA D 140 8.50 11.32 -5.79
N SER D 141 7.45 11.18 -4.97
CA SER D 141 6.93 12.26 -4.15
C SER D 141 5.83 11.68 -3.30
N ARG D 142 5.61 12.30 -2.14
CA ARG D 142 4.44 11.94 -1.36
C ARG D 142 3.17 12.09 -2.19
N ALA D 143 3.22 12.94 -3.22
CA ALA D 143 2.05 13.23 -4.03
C ALA D 143 1.67 12.09 -4.97
N TRP D 144 2.48 11.03 -5.07
CA TRP D 144 2.04 9.85 -5.80
C TRP D 144 0.83 9.22 -5.11
N LEU D 145 0.67 9.46 -3.81
CA LEU D 145 -0.51 9.03 -3.07
C LEU D 145 -1.73 9.88 -3.40
N GLY D 146 -1.57 10.92 -4.22
CA GLY D 146 -2.68 11.76 -4.60
C GLY D 146 -2.62 13.14 -4.01
N GLY D 147 -2.69 14.16 -4.86
CA GLY D 147 -2.75 15.53 -4.40
C GLY D 147 -3.73 16.36 -5.18
N ALA D 148 -4.61 17.07 -4.48
CA ALA D 148 -5.56 17.94 -5.17
C ALA D 148 -4.81 18.96 -6.01
N GLY D 149 -5.30 19.19 -7.23
CA GLY D 149 -4.67 20.10 -8.15
C GLY D 149 -3.37 19.61 -8.74
N GLN D 150 -3.03 18.34 -8.56
CA GLN D 150 -1.75 17.80 -9.03
C GLN D 150 -1.95 16.56 -9.87
N THR D 151 -3.02 16.52 -10.66
CA THR D 151 -3.26 15.32 -11.47
C THR D 151 -2.04 14.87 -12.26
N PRO D 152 -1.37 15.75 -13.00
CA PRO D 152 -0.21 15.27 -13.80
C PRO D 152 0.94 14.79 -12.93
N TYR D 153 1.28 15.54 -11.87
CA TYR D 153 2.40 15.16 -11.01
C TYR D 153 2.11 13.86 -10.28
N SER D 154 0.90 13.74 -9.73
CA SER D 154 0.53 12.50 -9.05
C SER D 154 0.53 11.33 -10.02
N SER D 155 0.02 11.55 -11.24
CA SER D 155 0.04 10.50 -12.25
C SER D 155 1.46 10.11 -12.61
N ALA D 156 2.30 11.12 -12.90
CA ALA D 156 3.66 10.84 -13.34
C ALA D 156 4.45 10.12 -12.26
N LYS D 157 4.41 10.62 -11.04
CA LYS D 157 5.20 10.03 -9.96
C LYS D 157 4.66 8.68 -9.54
N ALA D 158 3.34 8.49 -9.58
CA ALA D 158 2.79 7.15 -9.34
C ALA D 158 3.29 6.18 -10.39
N GLY D 159 3.40 6.63 -11.64
CA GLY D 159 3.99 5.81 -12.68
C GLY D 159 5.43 5.44 -12.37
N VAL D 160 6.18 6.36 -11.76
CA VAL D 160 7.55 6.05 -11.38
C VAL D 160 7.58 4.93 -10.34
N VAL D 161 6.57 4.87 -9.48
CA VAL D 161 6.52 3.81 -8.46
C VAL D 161 6.28 2.46 -9.12
N GLY D 162 5.36 2.41 -10.07
CA GLY D 162 5.12 1.16 -10.78
C GLY D 162 6.33 0.72 -11.59
N MET D 163 7.00 1.67 -12.24
CA MET D 163 8.23 1.35 -12.95
C MET D 163 9.27 0.79 -11.98
N THR D 164 9.40 1.40 -10.80
CA THR D 164 10.37 0.92 -9.82
C THR D 164 10.12 -0.54 -9.50
N ARG D 165 8.86 -0.88 -9.24
CA ARG D 165 8.51 -2.25 -8.89
C ARG D 165 8.75 -3.20 -10.06
N ALA D 166 8.31 -2.81 -11.26
CA ALA D 166 8.48 -3.68 -12.41
C ALA D 166 9.95 -3.99 -12.65
N LEU D 167 10.80 -2.95 -12.68
CA LEU D 167 12.21 -3.15 -12.99
C LEU D 167 12.97 -3.76 -11.83
N ALA D 168 12.55 -3.52 -10.58
CA ALA D 168 13.14 -4.27 -9.47
C ALA D 168 12.98 -5.77 -9.70
N ILE D 169 11.80 -6.19 -10.16
CA ILE D 169 11.59 -7.60 -10.45
C ILE D 169 12.44 -8.04 -11.64
N GLU D 170 12.48 -7.24 -12.70
CA GLU D 170 13.10 -7.70 -13.93
C GLU D 170 14.62 -7.70 -13.84
N LEU D 171 15.21 -6.64 -13.29
CA LEU D 171 16.66 -6.45 -13.35
C LEU D 171 17.39 -7.09 -12.19
N GLY D 172 16.66 -7.65 -11.22
CA GLY D 172 17.32 -8.18 -10.04
C GLY D 172 18.34 -9.26 -10.34
N ARG D 173 18.04 -10.12 -11.31
CA ARG D 173 18.94 -11.23 -11.61
C ARG D 173 20.28 -10.74 -12.12
N ALA D 174 20.33 -9.51 -12.65
CA ALA D 174 21.56 -8.94 -13.18
C ALA D 174 22.35 -8.18 -12.13
N GLY D 175 21.97 -8.25 -10.86
CA GLY D 175 22.67 -7.52 -9.83
C GLY D 175 22.29 -6.06 -9.74
N ILE D 176 21.13 -5.69 -10.26
CA ILE D 176 20.65 -4.31 -10.26
C ILE D 176 19.47 -4.22 -9.30
N THR D 177 19.56 -3.28 -8.35
CA THR D 177 18.43 -2.93 -7.50
C THR D 177 17.78 -1.64 -8.01
N VAL D 178 16.46 -1.57 -7.83
CA VAL D 178 15.66 -0.45 -8.30
C VAL D 178 14.76 -0.03 -7.15
N ASN D 179 15.00 1.16 -6.62
CA ASN D 179 14.28 1.66 -5.46
C ASN D 179 13.80 3.08 -5.73
N CYS D 180 12.95 3.57 -4.84
CA CYS D 180 12.32 4.87 -4.99
C CYS D 180 12.29 5.59 -3.66
N VAL D 181 12.62 6.88 -3.70
CA VAL D 181 12.52 7.76 -2.55
C VAL D 181 11.42 8.77 -2.82
N ALA D 182 10.50 8.90 -1.86
CA ALA D 182 9.36 9.80 -1.98
C ALA D 182 9.53 10.94 -0.98
N PRO D 183 10.15 12.06 -1.38
CA PRO D 183 10.34 13.16 -0.42
C PRO D 183 9.01 13.79 -0.03
N GLY D 184 8.87 14.07 1.26
CA GLY D 184 7.78 14.89 1.74
C GLY D 184 8.05 16.36 1.53
N LEU D 185 8.00 17.13 2.61
CA LEU D 185 8.22 18.57 2.57
C LEU D 185 9.69 18.84 2.91
N ILE D 186 10.39 19.52 2.02
CA ILE D 186 11.82 19.73 2.13
C ILE D 186 12.13 21.21 1.97
N HIS D 187 12.97 21.74 2.85
CA HIS D 187 13.38 23.14 2.76
C HIS D 187 14.03 23.40 1.40
N THR D 188 13.41 24.28 0.63
CA THR D 188 13.76 24.58 -0.75
C THR D 188 13.81 26.10 -0.88
N PRO D 189 14.39 26.62 -1.95
CA PRO D 189 14.40 28.09 -2.10
C PRO D 189 13.00 28.68 -2.15
N MET D 190 12.07 27.97 -2.81
CA MET D 190 10.67 28.37 -2.74
C MET D 190 10.24 28.59 -1.29
N TRP D 191 10.60 27.67 -0.40
CA TRP D 191 10.15 27.78 0.99
C TRP D 191 10.43 29.15 1.58
N ASP D 192 11.61 29.70 1.33
CA ASP D 192 11.98 31.01 1.83
C ASP D 192 11.20 32.13 1.14
N GLU D 193 10.51 31.82 0.04
CA GLU D 193 9.77 32.80 -0.73
C GLU D 193 8.34 32.96 -0.22
N LEU D 194 8.09 32.55 1.01
CA LEU D 194 6.75 32.48 1.58
C LEU D 194 6.61 33.45 2.73
N PRO D 195 5.38 33.77 3.13
CA PRO D 195 5.18 34.54 4.36
C PRO D 195 4.99 33.63 5.56
N GLU D 196 5.38 34.15 6.73
CA GLU D 196 5.34 33.36 7.96
C GLU D 196 4.00 32.68 8.13
N LYS D 197 2.90 33.40 7.86
CA LYS D 197 1.57 32.86 8.13
C LYS D 197 1.34 31.58 7.33
N ASP D 198 1.73 31.56 6.06
CA ASP D 198 1.72 30.31 5.30
C ASP D 198 2.66 29.29 5.93
N GLN D 199 3.94 29.66 6.08
CA GLN D 199 4.94 28.72 6.59
C GLN D 199 4.45 28.01 7.84
N GLN D 200 3.94 28.76 8.82
CA GLN D 200 3.60 28.17 10.10
C GLN D 200 2.38 27.26 10.00
N PHE D 201 1.57 27.40 8.94
CA PHE D 201 0.49 26.44 8.73
C PHE D 201 1.05 25.10 8.30
N LEU D 202 1.94 25.10 7.31
CA LEU D 202 2.47 23.86 6.78
C LEU D 202 3.31 23.13 7.81
N LEU D 203 4.27 23.80 8.43
CA LEU D 203 5.04 23.13 9.48
C LEU D 203 4.14 22.44 10.50
N SER D 204 3.08 23.13 10.93
CA SER D 204 2.19 22.57 11.92
C SER D 204 1.59 21.25 11.48
N ARG D 205 1.54 21.00 10.17
CA ARG D 205 1.07 19.72 9.65
C ARG D 205 2.21 18.70 9.54
N GLN D 206 3.40 19.05 10.03
CA GLN D 206 4.53 18.14 10.05
C GLN D 206 4.59 17.49 11.42
N PRO D 207 4.57 16.16 11.52
CA PRO D 207 4.60 15.54 12.86
C PRO D 207 5.80 15.97 13.69
N THR D 208 7.00 16.06 13.09
CA THR D 208 8.16 16.52 13.82
C THR D 208 8.13 18.02 14.09
N GLY D 209 7.22 18.76 13.46
CA GLY D 209 7.21 20.20 13.59
C GLY D 209 8.34 20.92 12.90
N LYS D 210 9.22 20.20 12.21
CA LYS D 210 10.37 20.79 11.54
C LYS D 210 10.38 20.42 10.07
N LEU D 211 11.16 21.17 9.30
CA LEU D 211 11.31 20.89 7.88
C LEU D 211 12.40 19.87 7.61
N GLY D 212 12.18 19.07 6.58
CA GLY D 212 13.27 18.27 6.04
C GLY D 212 14.24 19.14 5.26
N GLU D 213 15.49 18.70 5.22
CA GLU D 213 16.56 19.40 4.53
C GLU D 213 17.09 18.52 3.40
N PRO D 214 17.75 19.12 2.41
CA PRO D 214 18.25 18.31 1.28
C PRO D 214 19.14 17.16 1.73
N ASP D 215 19.91 17.33 2.80
CA ASP D 215 20.74 16.24 3.29
C ASP D 215 19.92 15.01 3.67
N ASP D 216 18.68 15.21 4.14
CA ASP D 216 17.83 14.07 4.47
C ASP D 216 17.65 13.16 3.26
N ILE D 217 17.48 13.74 2.08
CA ILE D 217 17.39 12.93 0.86
C ILE D 217 18.75 12.33 0.51
N ALA D 218 19.79 13.16 0.52
CA ALA D 218 21.12 12.66 0.14
C ALA D 218 21.51 11.45 0.98
N ASN D 219 21.22 11.50 2.28
CA ASN D 219 21.62 10.40 3.17
C ASN D 219 20.80 9.14 2.89
N THR D 220 19.50 9.29 2.66
CA THR D 220 18.69 8.13 2.30
C THR D 220 19.14 7.56 0.96
N LEU D 221 19.48 8.44 0.02
CA LEU D 221 19.98 7.97 -1.27
C LEU D 221 21.32 7.27 -1.11
N LEU D 222 22.17 7.78 -0.21
CA LEU D 222 23.44 7.12 0.06
C LEU D 222 23.22 5.71 0.60
N PHE D 223 22.19 5.52 1.41
CA PHE D 223 21.91 4.18 1.91
C PHE D 223 21.49 3.24 0.80
N LEU D 224 20.54 3.67 -0.04
CA LEU D 224 20.03 2.80 -1.09
C LEU D 224 21.09 2.47 -2.12
N ALA D 225 22.02 3.41 -2.36
CA ALA D 225 23.06 3.21 -3.36
C ALA D 225 24.22 2.39 -2.84
N ASP D 226 24.32 2.18 -1.54
CA ASP D 226 25.49 1.57 -0.94
C ASP D 226 25.74 0.17 -1.51
N ASP D 227 27.03 -0.19 -1.59
CA ASP D 227 27.41 -1.56 -1.94
C ASP D 227 26.73 -2.58 -1.05
N ASP D 228 26.47 -2.22 0.21
CA ASP D 228 25.91 -3.16 1.18
C ASP D 228 24.42 -3.37 1.01
N SER D 229 23.74 -2.55 0.20
CA SER D 229 22.29 -2.57 0.10
C SER D 229 21.80 -3.33 -1.12
N GLY D 230 22.52 -4.37 -1.54
CA GLY D 230 22.15 -5.10 -2.74
C GLY D 230 20.89 -5.93 -2.59
N PHE D 231 20.46 -6.21 -1.37
CA PHE D 231 19.25 -6.98 -1.14
C PHE D 231 18.02 -6.10 -0.92
N VAL D 232 18.19 -4.79 -0.92
CA VAL D 232 17.07 -3.86 -0.85
C VAL D 232 16.71 -3.45 -2.26
N THR D 233 15.50 -3.77 -2.70
CA THR D 233 15.06 -3.41 -4.04
C THR D 233 13.54 -3.41 -4.08
N GLY D 234 12.99 -2.62 -5.01
CA GLY D 234 11.55 -2.52 -5.13
C GLY D 234 10.88 -1.67 -4.09
N GLN D 235 11.63 -0.83 -3.37
CA GLN D 235 11.11 -0.13 -2.21
C GLN D 235 10.70 1.29 -2.54
N VAL D 236 9.69 1.77 -1.81
CA VAL D 236 9.30 3.18 -1.80
C VAL D 236 9.54 3.68 -0.38
N LEU D 237 10.58 4.48 -0.20
CA LEU D 237 10.98 4.95 1.13
C LEU D 237 10.65 6.44 1.23
N TYR D 238 9.77 6.78 2.17
CA TYR D 238 9.36 8.17 2.35
C TYR D 238 10.36 8.90 3.23
N VAL D 239 10.73 10.11 2.81
CA VAL D 239 11.57 11.01 3.60
C VAL D 239 10.74 12.24 3.91
N CYS D 240 9.79 12.10 4.83
CA CYS D 240 8.71 13.06 4.99
C CYS D 240 8.48 13.54 6.41
N GLY D 241 9.29 13.10 7.36
CA GLY D 241 9.03 13.43 8.75
C GLY D 241 7.71 12.91 9.26
N GLY D 242 7.15 11.88 8.63
CA GLY D 242 5.91 11.30 9.07
C GLY D 242 4.67 11.87 8.40
N ARG D 243 4.80 12.97 7.65
CA ARG D 243 3.63 13.53 7.00
CA ARG D 243 3.63 13.54 6.99
C ARG D 243 2.96 12.54 6.07
N SER D 244 3.74 11.63 5.45
CA SER D 244 3.17 10.66 4.54
C SER D 244 2.24 9.68 5.25
N LEU D 245 2.36 9.54 6.57
CA LEU D 245 1.48 8.65 7.31
C LEU D 245 0.04 9.19 7.35
N PHE D 246 -0.10 10.51 7.41
CA PHE D 246 -1.41 11.15 7.25
C PHE D 246 -1.17 12.57 6.76
N ALA D 247 -1.61 12.87 5.53
CA ALA D 247 -1.37 14.15 4.90
C ALA D 247 -2.65 14.96 4.77
N GLY D 248 -3.60 14.73 5.68
CA GLY D 248 -4.88 15.40 5.63
C GLY D 248 -5.01 16.52 6.64
C1 GOL E . -14.60 -19.24 -5.83
O1 GOL E . -14.18 -19.04 -7.15
C2 GOL E . -14.11 -18.03 -4.99
O2 GOL E . -15.14 -17.34 -4.40
C3 GOL E . -13.18 -18.66 -3.96
O3 GOL E . -12.98 -17.72 -2.92
H31 GOL E . -13.57 -19.49 -3.66
H32 GOL E . -12.34 -18.91 -4.40
C1 GOL F . -32.38 -13.06 24.75
O1 GOL F . -31.00 -12.95 24.72
C2 GOL F . -32.87 -13.05 23.30
O2 GOL F . -31.97 -12.39 22.46
C3 GOL F . -33.03 -14.52 22.92
O3 GOL F . -33.32 -14.56 21.54
H31 GOL F . -33.73 -14.90 23.47
H32 GOL F . -32.22 -14.99 23.17
HO3 GOL F . -33.23 -13.77 21.25
PA NAD G . -8.40 -5.09 -25.00
O1A NAD G . -7.09 -5.30 -25.75
O2A NAD G . -9.50 -6.02 -25.62
O5B NAD G . -8.88 -3.47 -25.08
C5B NAD G . -10.24 -3.17 -24.83
C4B NAD G . -10.81 -2.26 -25.95
O4B NAD G . -10.20 -1.10 -25.96
C3B NAD G . -10.53 -2.88 -27.36
O3B NAD G . -11.72 -3.28 -27.91
C2B NAD G . -9.87 -1.76 -28.17
O2B NAD G . -10.51 -1.69 -29.50
C1B NAD G . -10.09 -0.65 -27.49
N9A NAD G . -9.04 0.34 -27.63
C8A NAD G . -7.71 0.19 -27.67
N7A NAD G . -7.16 1.38 -27.81
C5A NAD G . -8.15 2.28 -27.87
C6A NAD G . -8.14 3.63 -28.03
N6A NAD G . -7.09 4.51 -28.16
N1A NAD G . -9.29 4.31 -28.04
C2A NAD G . -10.45 3.65 -27.93
N3A NAD G . -10.46 2.32 -27.78
C4A NAD G . -9.31 1.63 -27.76
O3 NAD G . -8.18 -5.45 -23.40
PN NAD G . -9.43 -6.12 -22.45
O1N NAD G . -9.15 -7.61 -22.22
O2N NAD G . -10.78 -5.93 -23.18
O5D NAD G . -9.48 -5.35 -21.01
C5D NAD G . -9.87 -3.99 -20.99
C4D NAD G . -9.11 -3.25 -19.86
O4D NAD G . -8.84 -4.07 -18.87
C3D NAD G . -7.70 -2.76 -20.36
O3D NAD G . -7.48 -1.49 -19.85
C2D NAD G . -6.70 -3.75 -19.78
O2D NAD G . -5.41 -3.07 -19.63
C1D NAD G . -7.25 -4.06 -18.60
N1N NAD G . -6.83 -5.36 -18.09
C2N NAD G . -7.20 -6.51 -18.72
C3N NAD G . -6.76 -7.77 -18.20
C7N NAD G . -7.16 -9.04 -18.91
O7N NAD G . -7.63 -8.96 -20.02
N7N NAD G . -6.97 -10.35 -18.27
C4N NAD G . -6.02 -7.81 -17.10
C5N NAD G . -5.66 -6.67 -16.47
C6N NAD G . -6.10 -5.41 -16.99
H51A NAD G . -10.32 -2.71 -23.97
H52A NAD G . -10.75 -4.00 -24.79
H4B NAD G . -11.76 -2.12 -25.83
H3B NAD G . -9.91 -3.62 -27.30
HO3A NAD G . -11.61 -3.44 -28.74
H2B NAD G . -8.91 -1.91 -28.26
HO2A NAD G . -10.08 -2.15 -30.06
H1B NAD G . -10.93 -0.25 -27.81
H8A NAD G . -7.25 -0.62 -27.59
H61A NAD G . -6.83 5.00 -27.49
H62A NAD G . -6.68 4.59 -28.92
H2A NAD G . -11.26 4.12 -27.95
H51N NAD G . -9.66 -3.58 -21.85
H52N NAD G . -10.82 -3.93 -20.82
H4D NAD G . -9.63 -2.50 -19.55
H3D NAD G . -7.63 -2.77 -21.33
HO3N NAD G . -7.91 -0.92 -20.31
H2D NAD G . -6.58 -4.56 -20.32
HO2N NAD G . -5.30 -2.54 -20.29
H1D NAD G . -6.98 -3.38 -17.96
H2N NAD G . -7.72 -6.48 -19.49
H71N NAD G . -7.20 -11.07 -18.69
H72N NAD G . -6.62 -10.40 -17.48
H4N NAD G . -5.74 -8.63 -16.77
H5N NAD G . -5.14 -6.69 -15.70
H6N NAD G . -5.75 -4.78 -16.40
C1 GOL H . 0.07 -8.86 -14.37
O1 GOL H . 1.48 -9.09 -14.49
C2 GOL H . -0.60 -10.23 -14.20
O2 GOL H . -0.60 -10.97 -15.38
C3 GOL H . -2.00 -9.93 -13.68
O3 GOL H . -2.54 -8.91 -14.50
H31 GOL H . -1.93 -9.68 -12.75
H32 GOL H . -2.52 -10.75 -13.69
HO3 GOL H . -3.32 -8.74 -14.21
C1 GOL I . 25.36 -12.97 32.11
O1 GOL I . 25.90 -11.91 32.84
C2 GOL I . 24.06 -12.42 31.49
O2 GOL I . 23.28 -11.74 32.41
C3 GOL I . 23.36 -13.65 30.92
O3 GOL I . 23.65 -14.72 31.79
H31 GOL I . 23.67 -13.80 30.01
H32 GOL I . 22.41 -13.47 30.84
HO3 GOL I . 24.08 -15.31 31.32
C1 GOL J . 13.70 -15.01 7.61
O1 GOL J . 12.83 -14.11 8.21
C2 GOL J . 12.85 -15.91 6.70
O2 GOL J . 13.59 -16.96 6.16
C3 GOL J . 11.74 -16.39 7.61
O3 GOL J . 10.58 -15.65 7.31
H31 GOL J . 12.02 -16.30 8.53
H32 GOL J . 11.62 -17.35 7.48
PA NAD K . 13.98 21.26 -9.44
O1A NAD K . 13.08 21.51 -10.64
O2A NAD K . 14.25 22.58 -8.66
O5B NAD K . 15.46 20.60 -9.95
C5B NAD K . 15.40 19.56 -10.93
C4B NAD K . 16.43 19.88 -12.06
O4B NAD K . 16.33 19.03 -13.06
C3B NAD K . 16.14 21.27 -12.74
O3B NAD K . 17.24 22.08 -12.53
C2B NAD K . 15.91 20.97 -14.23
O2B NAD K . 16.50 22.08 -15.01
C1B NAD K . 16.61 19.86 -14.41
N9A NAD K . 16.35 19.05 -15.57
C8A NAD K . 17.24 18.22 -16.11
N7A NAD K . 16.69 17.66 -17.18
C5A NAD K . 15.46 18.17 -17.30
C6A NAD K . 14.49 17.95 -18.21
N6A NAD K . 14.48 17.11 -19.32
N1A NAD K . 13.33 18.59 -18.12
C2A NAD K . 13.13 19.46 -17.10
N3A NAD K . 14.09 19.67 -16.20
C4A NAD K . 15.25 19.04 -16.30
O3 NAD K . 13.24 20.16 -8.45
PN NAD K . 13.73 19.88 -6.83
O1N NAD K . 12.96 20.82 -5.89
O2N NAD K . 15.26 20.16 -6.69
O5D NAD K . 13.42 18.33 -6.46
C5D NAD K . 14.12 17.31 -7.14
C4D NAD K . 13.22 16.06 -7.32
O4D NAD K . 12.60 15.75 -6.21
C3D NAD K . 12.07 16.34 -8.36
O3D NAD K . 11.85 15.19 -9.11
C2D NAD K . 10.86 16.68 -7.51
O2D NAD K . 9.67 16.31 -8.28
C1D NAD K . 11.00 15.89 -6.45
N1N NAD K . 10.43 16.44 -5.23
C2N NAD K . 10.87 17.62 -4.72
C3N NAD K . 10.29 18.14 -3.53
C7N NAD K . 10.78 19.47 -2.99
O7N NAD K . 11.39 20.21 -3.72
N7N NAD K . 10.53 19.85 -1.58
C4N NAD K . 9.33 17.48 -2.90
C5N NAD K . 8.88 16.30 -3.41
C6N NAD K . 9.47 15.77 -4.60
H51A NAD K . 15.63 18.71 -10.52
H52A NAD K . 14.51 19.51 -11.30
H4B NAD K . 17.32 19.87 -11.68
H3B NAD K . 15.33 21.68 -12.40
HO3A NAD K . 17.07 22.66 -11.92
H2B NAD K . 14.99 20.82 -14.47
HO2A NAD K . 16.01 22.76 -14.91
H1B NAD K . 17.54 20.13 -14.53
H8A NAD K . 18.10 18.06 -15.79
H61A NAD K . 14.08 16.35 -19.28
H62A NAD K . 14.86 17.36 -20.04
H2A NAD K . 12.32 19.91 -17.04
H51N NAD K . 14.39 17.64 -8.01
H52N NAD K . 14.90 17.07 -6.62
H4D NAD K . 13.78 15.31 -7.61
H3D NAD K . 12.29 17.09 -8.94
HO3N NAD K . 12.49 15.08 -9.65
H2D NAD K . 10.81 17.61 -7.25
HO2N NAD K . 9.89 16.04 -9.05
H1D NAD K . 10.57 15.05 -6.66
H2N NAD K . 11.55 18.08 -5.16
H71N NAD K . 10.09 19.31 -1.07
H72N NAD K . 10.81 20.60 -1.28
H4N NAD K . 8.96 17.82 -2.12
H5N NAD K . 8.21 15.83 -2.98
H6N NAD K . 9.02 14.97 -4.74
C1 GOL L . 4.41 17.39 0.50
O1 GOL L . 4.30 16.67 1.72
C2 GOL L . 3.77 16.51 -0.59
O2 GOL L . 4.47 16.54 -1.78
C3 GOL L . 2.35 17.06 -0.74
O3 GOL L . 1.89 16.67 -2.02
H31 GOL L . 1.80 16.71 -0.01
H32 GOL L . 2.37 18.02 -0.61
HO3 GOL L . 2.55 16.78 -2.56
C1 GOL M . 18.63 -9.88 -17.40
O1 GOL M . 19.34 -9.95 -18.59
C2 GOL M . 17.77 -8.61 -17.46
O2 GOL M . 18.52 -7.49 -17.82
C3 GOL M . 16.69 -8.93 -18.52
O3 GOL M . 15.89 -7.75 -18.66
H31 GOL M . 17.12 -9.21 -19.34
H32 GOL M . 16.19 -9.70 -18.22
HO3 GOL M . 16.45 -7.10 -18.63
C1 GOL N . -13.24 29.50 -11.77
O1 GOL N . -11.96 30.05 -11.41
C2 GOL N . -13.25 29.42 -13.28
O2 GOL N . -12.13 28.73 -13.76
C3 GOL N . -14.55 28.64 -13.52
O3 GOL N . -14.38 28.00 -14.78
H11 GOL N . -13.40 28.63 -11.39
H12 GOL N . -13.98 30.06 -11.47
HO1 GOL N . -11.94 30.15 -10.57
H2 GOL N . -13.24 30.28 -13.72
HO2 GOL N . -11.80 28.29 -13.10
H31 GOL N . -14.69 28.02 -12.79
H32 GOL N . -15.30 29.25 -13.50
HO3 GOL N . -13.53 28.00 -14.94
#